data_8SYJ
#
_entry.id   8SYJ
#
_cell.length_a   63.554
_cell.length_b   89.116
_cell.length_c   128.043
_cell.angle_alpha   90.000
_cell.angle_beta   90.000
_cell.angle_gamma   90.000
#
_symmetry.space_group_name_H-M   'P 21 21 21'
#
loop_
_entity.id
_entity.type
_entity.pdbx_description
1 polymer TK0353
2 non-polymer 'IODIDE ION'
3 non-polymer GLYCEROL
4 non-polymer 'SULFATE ION'
5 water water
#
_entity_poly.entity_id   1
_entity_poly.type   'polypeptide(L)'
_entity_poly.pdbx_seq_one_letter_code
;MYSVKKSKSGYIFDKPRERIAFMFLKDGTYFMYHDGRILCYSLKPVDVSREELEEFERTGEPPELIKRVKAGKYPENCVV
KELPPIDKGLAQLNPNRKCVIIFTGFQDTVIDYVECNGETLAVARLIDEPGKVCRFAGKGNYKVAAVKLKRNEPCLTREE
FLKKVEECRK
;
_entity_poly.pdbx_strand_id   A,B,C,D
#
loop_
_chem_comp.id
_chem_comp.type
_chem_comp.name
_chem_comp.formula
GOL non-polymer GLYCEROL 'C3 H8 O3'
IOD non-polymer 'IODIDE ION' 'I -1'
SO4 non-polymer 'SULFATE ION' 'O4 S -2'
#
# COMPACT_ATOMS: atom_id res chain seq x y z
N MET A 1 -13.93 -9.37 -22.77
CA MET A 1 -14.55 -10.37 -23.62
C MET A 1 -14.68 -11.71 -22.89
N TYR A 2 -15.76 -12.43 -23.14
CA TYR A 2 -15.92 -13.77 -22.59
C TYR A 2 -15.10 -14.77 -23.39
N SER A 3 -14.39 -15.64 -22.68
CA SER A 3 -13.89 -16.86 -23.29
C SER A 3 -15.01 -17.90 -23.24
N VAL A 4 -15.24 -18.56 -24.37
CA VAL A 4 -16.40 -19.43 -24.54
C VAL A 4 -15.94 -20.88 -24.71
N LYS A 5 -16.49 -21.76 -23.88
CA LYS A 5 -16.27 -23.19 -23.98
C LYS A 5 -17.59 -23.85 -24.35
N LYS A 6 -17.59 -24.65 -25.42
CA LYS A 6 -18.82 -25.15 -26.01
C LYS A 6 -18.75 -26.65 -26.21
N SER A 7 -19.81 -27.36 -25.83
CA SER A 7 -19.91 -28.79 -26.08
C SER A 7 -21.39 -29.18 -26.18
N LYS A 8 -21.63 -30.45 -26.55
CA LYS A 8 -23.01 -30.92 -26.55
C LYS A 8 -23.64 -30.86 -25.17
N SER A 9 -22.81 -30.79 -24.12
CA SER A 9 -23.32 -30.62 -22.77
C SER A 9 -23.80 -29.20 -22.51
N GLY A 10 -23.21 -28.20 -23.16
CA GLY A 10 -23.69 -26.84 -22.94
C GLY A 10 -22.63 -25.79 -23.27
N TYR A 11 -22.75 -24.65 -22.59
CA TYR A 11 -21.90 -23.49 -22.82
C TYR A 11 -21.32 -22.97 -21.52
N ILE A 12 -20.13 -22.38 -21.61
CA ILE A 12 -19.50 -21.72 -20.47
C ILE A 12 -18.88 -20.43 -20.97
N PHE A 13 -19.32 -19.30 -20.42
CA PHE A 13 -18.81 -17.98 -20.76
C PHE A 13 -18.08 -17.46 -19.53
N ASP A 14 -16.75 -17.34 -19.62
CA ASP A 14 -15.90 -17.02 -18.49
C ASP A 14 -15.19 -15.69 -18.68
N LYS A 15 -15.05 -14.98 -17.58
CA LYS A 15 -14.16 -13.84 -17.37
C LYS A 15 -13.48 -14.10 -16.04
N PRO A 16 -12.32 -13.45 -15.77
CA PRO A 16 -11.57 -13.73 -14.55
C PRO A 16 -12.38 -13.89 -13.27
N ARG A 17 -13.39 -13.05 -13.06
CA ARG A 17 -14.24 -13.13 -11.87
C ARG A 17 -15.71 -13.32 -12.22
N GLU A 18 -16.01 -13.93 -13.37
CA GLU A 18 -17.40 -14.10 -13.79
C GLU A 18 -17.57 -15.39 -14.57
N ARG A 19 -18.69 -16.07 -14.35
CA ARG A 19 -19.01 -17.24 -15.14
C ARG A 19 -20.50 -17.29 -15.39
N ILE A 20 -20.88 -17.56 -16.64
CA ILE A 20 -22.25 -17.85 -17.03
C ILE A 20 -22.23 -19.21 -17.72
N ALA A 21 -22.81 -20.21 -17.07
CA ALA A 21 -22.82 -21.57 -17.57
C ALA A 21 -24.23 -21.99 -17.88
N PHE A 22 -24.39 -22.71 -18.99
CA PHE A 22 -25.66 -23.28 -19.40
C PHE A 22 -25.45 -24.76 -19.62
N MET A 23 -26.34 -25.57 -19.04
CA MET A 23 -26.30 -27.01 -19.09
C MET A 23 -27.56 -27.52 -19.76
N PHE A 24 -27.42 -28.41 -20.73
CA PHE A 24 -28.58 -29.03 -21.36
C PHE A 24 -28.81 -30.36 -20.67
N LEU A 25 -29.93 -30.48 -19.97
CA LEU A 25 -30.28 -31.70 -19.28
C LEU A 25 -31.57 -32.23 -19.89
N LYS A 26 -32.02 -33.37 -19.37
CA LYS A 26 -33.13 -34.11 -19.99
C LYS A 26 -34.32 -33.21 -20.25
N ASP A 27 -34.64 -32.34 -19.29
CA ASP A 27 -35.86 -31.55 -19.35
C ASP A 27 -35.63 -30.10 -19.74
N GLY A 28 -34.43 -29.75 -20.24
CA GLY A 28 -34.27 -28.41 -20.78
C GLY A 28 -32.95 -27.79 -20.36
N THR A 29 -32.91 -26.46 -20.47
CA THR A 29 -31.69 -25.68 -20.29
C THR A 29 -31.68 -25.09 -18.88
N TYR A 30 -30.58 -25.32 -18.17
CA TYR A 30 -30.34 -24.83 -16.82
C TYR A 30 -29.17 -23.86 -16.84
N PHE A 31 -29.19 -22.88 -15.94
CA PHE A 31 -28.17 -21.85 -15.95
C PHE A 31 -27.61 -21.62 -14.56
N MET A 32 -26.36 -21.17 -14.55
CA MET A 32 -25.76 -20.59 -13.36
C MET A 32 -25.02 -19.32 -13.76
N TYR A 33 -25.14 -18.27 -12.96
CA TYR A 33 -24.47 -17.01 -13.23
C TYR A 33 -23.82 -16.54 -11.95
N HIS A 34 -22.58 -16.07 -12.05
CA HIS A 34 -22.00 -15.37 -10.91
C HIS A 34 -20.99 -14.35 -11.40
N ASP A 35 -20.84 -13.31 -10.59
CA ASP A 35 -19.81 -12.30 -10.75
C ASP A 35 -19.09 -12.22 -9.41
N GLY A 36 -18.40 -11.11 -9.17
CA GLY A 36 -17.68 -10.92 -7.92
C GLY A 36 -18.53 -10.94 -6.67
N ARG A 37 -19.80 -10.53 -6.77
CA ARG A 37 -20.61 -10.33 -5.57
C ARG A 37 -21.86 -11.20 -5.49
N ILE A 38 -22.43 -11.63 -6.62
CA ILE A 38 -23.74 -12.28 -6.68
C ILE A 38 -23.60 -13.64 -7.35
N LEU A 39 -24.30 -14.65 -6.80
CA LEU A 39 -24.46 -15.97 -7.42
C LEU A 39 -25.95 -16.26 -7.59
N CYS A 40 -26.36 -16.56 -8.83
CA CYS A 40 -27.76 -16.81 -9.17
CA CYS A 40 -27.75 -16.81 -9.16
C CYS A 40 -27.86 -18.08 -9.99
N TYR A 41 -28.81 -18.94 -9.63
CA TYR A 41 -29.01 -20.15 -10.45
C TYR A 41 -30.36 -20.76 -10.13
N SER A 42 -30.87 -21.57 -11.05
CA SER A 42 -32.14 -22.25 -10.86
C SER A 42 -31.99 -23.74 -11.03
N LEU A 43 -32.64 -24.50 -10.14
CA LEU A 43 -32.73 -25.93 -10.26
C LEU A 43 -33.90 -26.37 -11.14
N LYS A 44 -34.66 -25.44 -11.68
CA LYS A 44 -35.62 -25.73 -12.72
C LYS A 44 -35.16 -25.15 -14.04
N PRO A 45 -35.64 -25.68 -15.17
CA PRO A 45 -35.17 -25.18 -16.47
C PRO A 45 -35.60 -23.74 -16.70
N VAL A 46 -34.85 -23.04 -17.54
CA VAL A 46 -35.11 -21.63 -17.84
C VAL A 46 -35.29 -21.47 -19.34
N ASP A 47 -36.05 -20.46 -19.73
CA ASP A 47 -36.30 -20.18 -21.15
C ASP A 47 -35.08 -19.48 -21.75
N VAL A 48 -34.07 -20.29 -22.08
CA VAL A 48 -32.94 -19.85 -22.87
C VAL A 48 -32.83 -20.79 -24.06
N SER A 49 -33.05 -20.25 -25.25
CA SER A 49 -32.96 -21.02 -26.48
C SER A 49 -31.51 -21.14 -26.93
N ARG A 50 -31.20 -22.23 -27.64
CA ARG A 50 -29.85 -22.41 -28.17
CA ARG A 50 -29.84 -22.41 -28.16
C ARG A 50 -29.49 -21.33 -29.18
N GLU A 51 -30.50 -20.76 -29.84
CA GLU A 51 -30.25 -19.61 -30.72
C GLU A 51 -29.69 -18.43 -29.93
N GLU A 52 -30.26 -18.17 -28.76
CA GLU A 52 -29.73 -17.12 -27.89
C GLU A 52 -28.29 -17.41 -27.48
N LEU A 53 -27.98 -18.65 -27.14
CA LEU A 53 -26.60 -19.00 -26.76
C LEU A 53 -25.64 -18.79 -27.91
N GLU A 54 -25.99 -19.27 -29.11
CA GLU A 54 -25.21 -18.99 -30.31
C GLU A 54 -24.98 -17.48 -30.47
N GLU A 55 -26.05 -16.70 -30.37
CA GLU A 55 -25.95 -15.24 -30.46
C GLU A 55 -24.98 -14.68 -29.43
N PHE A 56 -25.05 -15.18 -28.19
CA PHE A 56 -24.13 -14.76 -27.15
C PHE A 56 -22.68 -15.03 -27.56
N GLU A 57 -22.41 -16.25 -28.03
CA GLU A 57 -21.06 -16.60 -28.43
C GLU A 57 -20.56 -15.75 -29.59
N ARG A 58 -21.44 -15.44 -30.55
CA ARG A 58 -21.01 -14.78 -31.76
CA ARG A 58 -21.03 -14.77 -31.78
C ARG A 58 -20.94 -13.26 -31.64
N THR A 59 -21.72 -12.65 -30.74
CA THR A 59 -21.78 -11.20 -30.61
C THR A 59 -21.40 -10.66 -29.25
N GLY A 60 -21.42 -11.48 -28.21
CA GLY A 60 -21.11 -11.02 -26.88
C GLY A 60 -22.28 -10.49 -26.08
N GLU A 61 -23.53 -10.43 -26.69
CA GLU A 61 -24.60 -9.91 -25.86
C GLU A 61 -25.33 -11.06 -25.17
N PRO A 62 -25.60 -10.95 -23.87
CA PRO A 62 -26.15 -12.08 -23.12
C PRO A 62 -27.61 -12.29 -23.47
N PRO A 63 -28.17 -13.46 -23.18
CA PRO A 63 -29.61 -13.65 -23.31
C PRO A 63 -30.38 -12.72 -22.39
N GLU A 64 -31.65 -12.47 -22.74
CA GLU A 64 -32.46 -11.54 -21.97
C GLU A 64 -32.54 -11.95 -20.50
N LEU A 65 -32.57 -13.26 -20.24
CA LEU A 65 -32.57 -13.75 -18.87
C LEU A 65 -31.34 -13.27 -18.12
N ILE A 66 -30.16 -13.34 -18.76
CA ILE A 66 -28.95 -12.91 -18.09
C ILE A 66 -28.96 -11.40 -17.87
N LYS A 67 -29.45 -10.62 -18.84
CA LYS A 67 -29.53 -9.17 -18.63
C LYS A 67 -30.41 -8.85 -17.43
N ARG A 68 -31.53 -9.55 -17.28
CA ARG A 68 -32.37 -9.28 -16.12
C ARG A 68 -31.70 -9.72 -14.82
N VAL A 69 -30.98 -10.85 -14.86
CA VAL A 69 -30.27 -11.32 -13.67
C VAL A 69 -29.20 -10.32 -13.27
N LYS A 70 -28.47 -9.79 -14.24
CA LYS A 70 -27.46 -8.76 -13.98
C LYS A 70 -28.09 -7.49 -13.43
N ALA A 71 -29.29 -7.16 -13.91
CA ALA A 71 -29.94 -5.94 -13.46
C ALA A 71 -30.68 -6.10 -12.13
N GLY A 72 -30.76 -7.31 -11.58
CA GLY A 72 -31.48 -7.50 -10.34
C GLY A 72 -32.90 -8.06 -10.46
N LYS A 73 -33.38 -8.29 -11.68
CA LYS A 73 -34.70 -8.89 -11.88
C LYS A 73 -34.54 -10.40 -12.09
N TYR A 74 -34.90 -11.18 -11.07
CA TYR A 74 -34.59 -12.60 -11.06
C TYR A 74 -35.85 -13.43 -11.34
N PRO A 75 -35.77 -14.43 -12.23
CA PRO A 75 -36.94 -15.27 -12.50
C PRO A 75 -37.32 -16.19 -11.35
N GLU A 76 -38.41 -16.93 -11.54
CA GLU A 76 -38.97 -17.78 -10.49
C GLU A 76 -38.05 -18.94 -10.12
N ASN A 77 -37.99 -19.24 -8.82
CA ASN A 77 -37.21 -20.36 -8.28
C ASN A 77 -35.72 -20.20 -8.56
N CYS A 78 -35.25 -18.96 -8.62
CA CYS A 78 -33.83 -18.64 -8.83
CA CYS A 78 -33.84 -18.66 -8.82
C CYS A 78 -33.20 -18.33 -7.48
N VAL A 79 -32.32 -19.24 -7.02
CA VAL A 79 -31.47 -18.98 -5.87
C VAL A 79 -30.61 -17.75 -6.12
N VAL A 80 -30.62 -16.84 -5.14
CA VAL A 80 -29.78 -15.63 -5.17
C VAL A 80 -28.97 -15.59 -3.88
N LYS A 81 -27.64 -15.50 -4.00
CA LYS A 81 -26.75 -15.48 -2.85
C LYS A 81 -25.67 -14.42 -3.02
N GLU A 82 -25.41 -13.66 -1.95
CA GLU A 82 -24.29 -12.73 -1.93
C GLU A 82 -22.98 -13.45 -1.59
N LEU A 83 -21.94 -13.18 -2.37
CA LEU A 83 -20.65 -13.85 -2.20
C LEU A 83 -19.81 -13.17 -1.12
N PRO A 84 -18.93 -13.92 -0.44
CA PRO A 84 -17.99 -13.30 0.49
C PRO A 84 -16.95 -12.49 -0.26
N PRO A 85 -16.26 -11.56 0.40
CA PRO A 85 -15.28 -10.75 -0.32
C PRO A 85 -14.16 -11.62 -0.88
N ILE A 86 -13.54 -11.12 -1.95
CA ILE A 86 -12.31 -11.73 -2.44
C ILE A 86 -11.37 -11.99 -1.28
N ASP A 87 -10.82 -13.21 -1.22
CA ASP A 87 -10.01 -13.62 -0.08
C ASP A 87 -8.91 -12.61 0.18
N LYS A 88 -8.84 -12.12 1.41
CA LYS A 88 -7.88 -11.08 1.75
C LYS A 88 -6.44 -11.54 1.48
N GLY A 89 -6.15 -12.82 1.74
CA GLY A 89 -4.80 -13.34 1.50
C GLY A 89 -4.35 -13.25 0.05
N LEU A 90 -5.28 -13.35 -0.90
CA LEU A 90 -4.96 -13.27 -2.32
C LEU A 90 -5.30 -11.93 -2.94
N ALA A 91 -5.97 -11.05 -2.20
CA ALA A 91 -6.54 -9.83 -2.79
C ALA A 91 -5.51 -9.00 -3.55
N GLN A 92 -4.33 -8.78 -2.97
CA GLN A 92 -3.34 -7.96 -3.65
C GLN A 92 -2.85 -8.57 -4.96
N LEU A 93 -3.05 -9.87 -5.17
CA LEU A 93 -2.57 -10.55 -6.37
C LEU A 93 -3.53 -10.49 -7.55
N ASN A 94 -4.69 -9.82 -7.41
CA ASN A 94 -5.72 -9.76 -8.44
C ASN A 94 -6.21 -11.14 -8.82
N PRO A 95 -6.81 -11.89 -7.90
CA PRO A 95 -7.15 -13.29 -8.19
C PRO A 95 -8.38 -13.46 -9.07
N ASN A 96 -8.45 -14.64 -9.68
CA ASN A 96 -9.67 -15.09 -10.33
C ASN A 96 -10.65 -15.59 -9.29
N ARG A 97 -11.95 -15.52 -9.62
CA ARG A 97 -13.01 -16.04 -8.77
C ARG A 97 -13.93 -16.94 -9.57
N LYS A 98 -14.23 -18.13 -9.04
CA LYS A 98 -15.21 -19.02 -9.66
C LYS A 98 -16.07 -19.65 -8.57
N CYS A 99 -17.28 -20.04 -8.94
CA CYS A 99 -18.19 -20.69 -8.01
C CYS A 99 -18.49 -22.09 -8.55
N VAL A 100 -18.62 -23.06 -7.65
CA VAL A 100 -19.09 -24.40 -7.99
C VAL A 100 -20.31 -24.70 -7.14
N ILE A 101 -21.33 -25.31 -7.75
CA ILE A 101 -22.61 -25.55 -7.09
C ILE A 101 -23.09 -26.99 -7.31
N ILE A 102 -24.35 -27.24 -6.96
CA ILE A 102 -24.94 -28.59 -6.94
C ILE A 102 -24.80 -29.28 -8.28
N PHE A 103 -24.78 -28.53 -9.39
CA PHE A 103 -24.70 -29.14 -10.71
C PHE A 103 -23.51 -30.09 -10.84
N THR A 104 -22.38 -29.75 -10.22
CA THR A 104 -21.23 -30.63 -10.18
C THR A 104 -21.03 -31.28 -8.82
N GLY A 105 -22.06 -31.27 -7.97
CA GLY A 105 -22.07 -32.04 -6.75
C GLY A 105 -21.62 -31.35 -5.49
N PHE A 106 -21.51 -30.02 -5.49
CA PHE A 106 -20.99 -29.27 -4.35
C PHE A 106 -22.08 -28.48 -3.64
N GLN A 107 -21.93 -28.31 -2.32
CA GLN A 107 -22.56 -27.16 -1.70
C GLN A 107 -21.96 -25.91 -2.31
N ASP A 108 -22.75 -24.84 -2.36
CA ASP A 108 -22.34 -23.61 -3.02
C ASP A 108 -21.00 -23.12 -2.47
N THR A 109 -19.98 -23.13 -3.31
CA THR A 109 -18.62 -22.81 -2.91
C THR A 109 -18.06 -21.76 -3.84
N VAL A 110 -17.35 -20.79 -3.26
CA VAL A 110 -16.63 -19.77 -4.03
C VAL A 110 -15.14 -20.03 -3.85
N ILE A 111 -14.39 -19.92 -4.95
CA ILE A 111 -12.96 -20.19 -4.97
C ILE A 111 -12.26 -18.97 -5.53
N ASP A 112 -11.38 -18.39 -4.74
CA ASP A 112 -10.47 -17.33 -5.19
C ASP A 112 -9.11 -17.94 -5.44
N TYR A 113 -8.57 -17.76 -6.64
CA TYR A 113 -7.33 -18.46 -6.95
C TYR A 113 -6.42 -17.64 -7.84
N VAL A 114 -5.12 -17.93 -7.71
CA VAL A 114 -4.11 -17.43 -8.61
C VAL A 114 -3.17 -18.57 -9.00
N GLU A 115 -2.51 -18.39 -10.14
CA GLU A 115 -1.46 -19.30 -10.58
C GLU A 115 -0.14 -18.56 -10.45
N CYS A 116 0.70 -19.02 -9.52
CA CYS A 116 1.90 -18.30 -9.15
C CYS A 116 3.06 -19.30 -9.07
N ASN A 117 4.06 -19.08 -9.94
CA ASN A 117 5.25 -19.93 -10.09
C ASN A 117 4.86 -21.38 -10.43
N GLY A 118 3.91 -21.52 -11.35
CA GLY A 118 3.50 -22.84 -11.77
C GLY A 118 2.73 -23.63 -10.74
N GLU A 119 2.41 -23.03 -9.60
CA GLU A 119 1.57 -23.64 -8.59
C GLU A 119 0.25 -22.90 -8.54
N THR A 120 -0.75 -23.52 -7.93
CA THR A 120 -2.06 -22.92 -7.72
C THR A 120 -2.18 -22.55 -6.25
N LEU A 121 -2.61 -21.32 -5.99
CA LEU A 121 -2.99 -20.86 -4.67
C LEU A 121 -4.48 -20.58 -4.74
N ALA A 122 -5.27 -21.33 -4.00
CA ALA A 122 -6.71 -21.18 -4.04
C ALA A 122 -7.24 -21.17 -2.61
N VAL A 123 -8.30 -20.40 -2.41
CA VAL A 123 -9.03 -20.36 -1.15
C VAL A 123 -10.49 -20.62 -1.48
N ALA A 124 -11.04 -21.72 -0.95
CA ALA A 124 -12.42 -22.09 -1.17
C ALA A 124 -13.20 -21.87 0.11
N ARG A 125 -14.38 -21.26 -0.01
CA ARG A 125 -15.25 -21.00 1.12
C ARG A 125 -16.66 -21.45 0.78
N LEU A 126 -17.32 -22.07 1.75
CA LEU A 126 -18.75 -22.31 1.66
C LEU A 126 -19.48 -20.98 1.66
N ILE A 127 -20.27 -20.73 0.62
CA ILE A 127 -20.98 -19.47 0.48
C ILE A 127 -22.00 -19.27 1.61
N ASP A 128 -22.67 -20.36 2.03
CA ASP A 128 -23.62 -20.25 3.14
C ASP A 128 -22.92 -20.09 4.49
N GLU A 129 -21.78 -20.75 4.68
CA GLU A 129 -21.02 -20.73 5.93
C GLU A 129 -19.59 -20.31 5.62
N PRO A 130 -19.33 -19.01 5.49
CA PRO A 130 -18.02 -18.56 5.01
C PRO A 130 -16.86 -18.93 5.93
N GLY A 131 -17.13 -19.32 7.18
CA GLY A 131 -16.07 -19.82 8.04
C GLY A 131 -15.46 -21.12 7.56
N LYS A 132 -16.24 -21.96 6.89
CA LYS A 132 -15.71 -23.21 6.34
C LYS A 132 -14.81 -22.90 5.15
N VAL A 133 -13.52 -23.10 5.31
CA VAL A 133 -12.55 -22.64 4.32
C VAL A 133 -11.51 -23.72 4.11
N CYS A 134 -11.06 -23.86 2.86
CA CYS A 134 -9.91 -24.68 2.52
C CYS A 134 -8.91 -23.83 1.76
N ARG A 135 -7.73 -23.65 2.33
CA ARG A 135 -6.63 -22.94 1.68
C ARG A 135 -5.72 -23.99 1.06
N PHE A 136 -5.53 -23.90 -0.25
CA PHE A 136 -4.85 -24.92 -1.03
C PHE A 136 -3.68 -24.28 -1.74
N ALA A 137 -2.52 -24.94 -1.69
CA ALA A 137 -1.34 -24.57 -2.46
C ALA A 137 -0.75 -25.85 -3.03
N GLY A 138 -0.80 -26.00 -4.34
CA GLY A 138 -0.32 -27.24 -4.93
C GLY A 138 -0.32 -27.20 -6.43
N LYS A 139 -0.03 -28.35 -7.04
CA LYS A 139 0.06 -28.45 -8.49
C LYS A 139 -1.27 -28.70 -9.17
N GLY A 140 -2.35 -28.92 -8.42
CA GLY A 140 -3.63 -29.25 -9.01
C GLY A 140 -4.45 -28.03 -9.42
N ASN A 141 -5.65 -28.32 -9.90
CA ASN A 141 -6.61 -27.32 -10.33
C ASN A 141 -7.16 -26.54 -9.13
N TYR A 142 -7.64 -25.32 -9.38
CA TYR A 142 -8.26 -24.57 -8.30
C TYR A 142 -9.43 -25.34 -7.69
N LYS A 143 -10.17 -26.10 -8.51
CA LYS A 143 -11.30 -26.88 -8.02
C LYS A 143 -10.91 -27.82 -6.88
N VAL A 144 -9.65 -28.26 -6.86
CA VAL A 144 -9.19 -29.15 -5.79
C VAL A 144 -9.51 -28.57 -4.42
N ALA A 145 -9.32 -27.25 -4.25
CA ALA A 145 -9.64 -26.61 -2.98
C ALA A 145 -11.09 -26.86 -2.58
N ALA A 146 -12.01 -26.69 -3.53
CA ALA A 146 -13.41 -26.99 -3.26
C ALA A 146 -13.59 -28.46 -2.93
N VAL A 147 -12.92 -29.33 -3.69
CA VAL A 147 -13.05 -30.78 -3.49
C VAL A 147 -12.66 -31.17 -2.08
N LYS A 148 -11.49 -30.70 -1.62
CA LYS A 148 -11.08 -30.97 -0.25
C LYS A 148 -12.10 -30.42 0.73
N LEU A 149 -12.59 -29.21 0.47
CA LEU A 149 -13.64 -28.65 1.32
C LEU A 149 -14.83 -29.58 1.38
N LYS A 150 -15.24 -30.13 0.22
CA LYS A 150 -16.39 -31.02 0.20
C LYS A 150 -16.09 -32.31 0.98
N ARG A 151 -14.85 -32.81 0.90
CA ARG A 151 -14.54 -34.12 1.46
C ARG A 151 -14.07 -34.05 2.91
N ASN A 152 -14.03 -32.85 3.49
CA ASN A 152 -13.53 -32.62 4.85
C ASN A 152 -12.05 -32.97 4.99
N GLU A 153 -11.31 -32.99 3.88
CA GLU A 153 -9.88 -33.21 3.96
C GLU A 153 -9.16 -31.96 4.50
N PRO A 154 -8.07 -32.16 5.23
CA PRO A 154 -7.35 -31.01 5.80
C PRO A 154 -6.71 -30.13 4.74
N CYS A 155 -6.65 -28.83 5.03
CA CYS A 155 -6.05 -27.83 4.16
C CYS A 155 -5.07 -26.96 4.94
N LEU A 156 -4.41 -26.03 4.24
CA LEU A 156 -3.37 -25.23 4.85
C LEU A 156 -3.94 -24.30 5.92
N THR A 157 -3.15 -24.08 6.96
CA THR A 157 -3.54 -23.06 7.92
C THR A 157 -3.29 -21.69 7.31
N ARG A 158 -3.95 -20.67 7.88
CA ARG A 158 -3.76 -19.30 7.41
C ARG A 158 -2.28 -18.96 7.32
N GLU A 159 -1.54 -19.25 8.39
CA GLU A 159 -0.10 -19.00 8.46
C GLU A 159 0.64 -19.66 7.30
N GLU A 160 0.44 -20.98 7.12
CA GLU A 160 1.09 -21.70 6.03
C GLU A 160 0.76 -21.09 4.66
N PHE A 161 -0.53 -20.82 4.42
CA PHE A 161 -0.95 -20.28 3.14
C PHE A 161 -0.34 -18.89 2.88
N LEU A 162 -0.39 -18.00 3.87
CA LEU A 162 0.24 -16.68 3.70
C LEU A 162 1.74 -16.82 3.47
N LYS A 163 2.39 -17.76 4.17
CA LYS A 163 3.77 -18.10 3.84
C LYS A 163 3.93 -18.40 2.35
N LYS A 164 3.08 -19.27 1.81
CA LYS A 164 3.14 -19.62 0.39
C LYS A 164 2.94 -18.41 -0.51
N VAL A 165 1.95 -17.57 -0.18
CA VAL A 165 1.72 -16.35 -0.95
C VAL A 165 2.96 -15.47 -0.94
N GLU A 166 3.51 -15.20 0.25
CA GLU A 166 4.75 -14.43 0.37
C GLU A 166 5.86 -15.03 -0.51
N GLU A 167 6.12 -16.33 -0.36
CA GLU A 167 7.16 -16.97 -1.17
C GLU A 167 6.91 -16.73 -2.64
N CYS A 168 5.65 -16.68 -3.05
CA CYS A 168 5.26 -16.49 -4.44
CA CYS A 168 5.37 -16.51 -4.45
C CYS A 168 5.47 -15.06 -4.93
N ARG A 169 5.53 -14.09 -4.03
CA ARG A 169 5.63 -12.69 -4.43
C ARG A 169 7.06 -12.13 -4.38
N MET B 1 14.90 17.17 23.40
CA MET B 1 15.03 17.73 22.07
C MET B 1 14.57 16.74 20.99
N TYR B 2 14.12 17.28 19.86
CA TYR B 2 13.72 16.48 18.72
C TYR B 2 14.90 16.26 17.78
N SER B 3 14.97 15.07 17.19
CA SER B 3 15.79 14.86 16.01
C SER B 3 15.01 15.33 14.79
N VAL B 4 15.69 15.99 13.87
CA VAL B 4 15.06 16.62 12.72
C VAL B 4 15.58 15.98 11.44
N LYS B 5 14.66 15.62 10.55
CA LYS B 5 14.96 15.25 9.18
C LYS B 5 14.22 16.22 8.26
N LYS B 6 14.93 16.86 7.34
CA LYS B 6 14.34 17.81 6.41
C LYS B 6 14.65 17.40 4.98
N SER B 7 13.63 17.45 4.12
CA SER B 7 13.80 17.10 2.72
C SER B 7 12.73 17.80 1.89
N LYS B 8 12.80 17.60 0.58
CA LYS B 8 11.82 18.18 -0.33
C LYS B 8 10.40 17.73 0.02
N SER B 9 10.26 16.55 0.62
CA SER B 9 8.94 16.06 1.01
C SER B 9 8.39 16.78 2.22
N GLY B 10 9.26 17.24 3.12
CA GLY B 10 8.78 17.94 4.29
C GLY B 10 9.78 17.84 5.45
N TYR B 11 9.24 17.82 6.66
CA TYR B 11 10.00 17.81 7.90
C TYR B 11 9.49 16.69 8.79
N ILE B 12 10.39 16.09 9.55
CA ILE B 12 10.02 15.10 10.56
C ILE B 12 10.81 15.39 11.82
N PHE B 13 10.09 15.49 12.93
CA PHE B 13 10.65 15.74 14.25
C PHE B 13 10.31 14.57 15.14
N ASP B 14 11.34 13.87 15.62
CA ASP B 14 11.18 12.62 16.33
C ASP B 14 11.71 12.70 17.76
N LYS B 15 11.00 12.05 18.66
CA LYS B 15 11.38 11.77 20.04
C LYS B 15 10.98 10.31 20.30
N PRO B 16 11.62 9.66 21.32
CA PRO B 16 11.43 8.21 21.50
C PRO B 16 10.00 7.68 21.31
N ARG B 17 9.01 8.40 21.85
CA ARG B 17 7.62 8.00 21.72
C ARG B 17 6.75 9.14 21.18
N GLU B 18 7.32 9.97 20.31
CA GLU B 18 6.55 11.09 19.77
C GLU B 18 7.07 11.40 18.38
N ARG B 19 6.16 11.81 17.50
CA ARG B 19 6.54 12.26 16.16
C ARG B 19 5.65 13.41 15.71
N ILE B 20 6.27 14.42 15.12
CA ILE B 20 5.60 15.55 14.47
C ILE B 20 6.10 15.62 13.04
N ALA B 21 5.23 15.36 12.08
CA ALA B 21 5.61 15.34 10.67
C ALA B 21 4.83 16.38 9.89
N PHE B 22 5.51 17.02 8.94
CA PHE B 22 4.91 17.95 8.00
C PHE B 22 5.25 17.52 6.58
N MET B 23 4.25 17.46 5.72
CA MET B 23 4.43 16.98 4.36
C MET B 23 3.85 18.00 3.40
N PHE B 24 4.55 18.22 2.30
CA PHE B 24 4.11 19.20 1.31
C PHE B 24 3.35 18.46 0.22
N LEU B 25 2.05 18.69 0.16
CA LEU B 25 1.19 18.11 -0.86
C LEU B 25 0.25 19.20 -1.35
N LYS B 26 -0.03 19.20 -2.65
CA LYS B 26 -1.03 20.10 -3.24
C LYS B 26 -0.82 21.55 -2.84
N ASP B 27 0.42 22.02 -2.98
CA ASP B 27 0.80 23.40 -2.67
C ASP B 27 0.47 23.82 -1.24
N GLY B 28 0.33 22.86 -0.34
CA GLY B 28 0.11 23.23 1.05
C GLY B 28 0.87 22.32 1.97
N THR B 29 0.65 22.46 3.27
CA THR B 29 1.32 21.66 4.28
C THR B 29 0.31 20.85 5.05
N TYR B 30 0.53 19.55 5.11
CA TYR B 30 -0.25 18.63 5.91
C TYR B 30 0.58 18.28 7.13
N PHE B 31 -0.07 17.98 8.24
CA PHE B 31 0.64 17.65 9.46
C PHE B 31 0.09 16.36 10.06
N MET B 32 0.96 15.67 10.77
CA MET B 32 0.64 14.56 11.63
C MET B 32 1.36 14.74 12.97
N TYR B 33 0.66 14.43 14.05
CA TYR B 33 1.26 14.42 15.37
C TYR B 33 0.86 13.14 16.07
N HIS B 34 1.79 12.58 16.83
CA HIS B 34 1.39 11.49 17.72
C HIS B 34 2.32 11.48 18.91
N ASP B 35 1.76 11.04 20.04
CA ASP B 35 2.51 10.79 21.26
C ASP B 35 2.20 9.33 21.61
N GLY B 36 2.45 8.94 22.85
CA GLY B 36 2.19 7.57 23.25
C GLY B 36 0.73 7.14 23.11
N ARG B 37 -0.20 8.08 23.18
CA ARG B 37 -1.61 7.72 23.31
C ARG B 37 -2.50 8.17 22.16
N ILE B 38 -2.15 9.25 21.47
CA ILE B 38 -3.03 9.92 20.53
C ILE B 38 -2.33 10.07 19.18
N LEU B 39 -3.07 9.87 18.10
CA LEU B 39 -2.60 10.21 16.75
C LEU B 39 -3.57 11.20 16.13
N CYS B 40 -3.05 12.29 15.56
CA CYS B 40 -3.89 13.24 14.84
CA CYS B 40 -3.84 13.30 14.88
C CYS B 40 -3.21 13.63 13.54
N TYR B 41 -4.02 13.91 12.53
CA TYR B 41 -3.43 14.38 11.28
C TYR B 41 -4.50 15.06 10.44
N SER B 42 -4.05 15.85 9.47
CA SER B 42 -4.96 16.73 8.73
C SER B 42 -5.36 16.11 7.39
N LEU B 43 -6.67 16.16 7.07
CA LEU B 43 -7.18 15.83 5.74
C LEU B 43 -7.08 16.98 4.75
N LYS B 44 -6.86 18.20 5.22
CA LYS B 44 -6.72 19.44 4.47
C LYS B 44 -5.36 20.03 4.80
N PRO B 45 -4.76 20.82 3.90
CA PRO B 45 -3.56 21.58 4.28
C PRO B 45 -3.85 22.50 5.45
N VAL B 46 -2.86 22.66 6.32
CA VAL B 46 -3.00 23.57 7.45
C VAL B 46 -2.08 24.76 7.23
N ASP B 47 -2.47 25.88 7.84
CA ASP B 47 -1.79 27.16 7.66
C ASP B 47 -0.58 27.24 8.59
N VAL B 48 0.44 26.46 8.25
CA VAL B 48 1.74 26.53 8.93
C VAL B 48 2.79 26.83 7.87
N SER B 49 3.51 27.93 8.06
CA SER B 49 4.49 28.34 7.06
C SER B 49 5.78 27.54 7.19
N ARG B 50 6.52 27.47 6.07
CA ARG B 50 7.86 26.89 6.10
C ARG B 50 8.79 27.67 7.02
N GLU B 51 8.57 28.97 7.17
CA GLU B 51 9.31 29.74 8.18
C GLU B 51 9.12 29.16 9.57
N GLU B 52 7.88 28.81 9.92
CA GLU B 52 7.63 28.22 11.24
C GLU B 52 8.36 26.90 11.40
N LEU B 53 8.39 26.07 10.35
CA LEU B 53 9.13 24.81 10.41
C LEU B 53 10.62 25.07 10.58
N GLU B 54 11.17 26.01 9.81
CA GLU B 54 12.57 26.41 9.96
C GLU B 54 12.87 26.81 11.40
N GLU B 55 11.98 27.60 12.00
CA GLU B 55 12.20 27.99 13.38
C GLU B 55 12.14 26.78 14.32
N PHE B 56 11.25 25.83 14.03
CA PHE B 56 11.18 24.60 14.81
C PHE B 56 12.51 23.86 14.76
N GLU B 57 13.06 23.70 13.54
CA GLU B 57 14.33 23.02 13.39
C GLU B 57 15.45 23.76 14.13
N ARG B 58 15.42 25.10 14.10
CA ARG B 58 16.51 25.86 14.71
C ARG B 58 16.43 25.88 16.24
N THR B 59 15.23 26.06 16.81
CA THR B 59 15.10 26.30 18.23
C THR B 59 14.41 25.19 19.00
N GLY B 60 13.76 24.25 18.32
CA GLY B 60 13.03 23.24 19.05
C GLY B 60 11.68 23.68 19.57
N GLU B 61 11.27 24.92 19.27
CA GLU B 61 9.94 25.38 19.64
C GLU B 61 8.97 24.97 18.55
N PRO B 62 8.04 24.05 18.80
CA PRO B 62 7.10 23.62 17.75
C PRO B 62 6.21 24.77 17.33
N PRO B 63 5.64 24.72 16.12
CA PRO B 63 4.72 25.79 15.73
C PRO B 63 3.52 25.85 16.66
N GLU B 64 2.93 27.04 16.76
CA GLU B 64 1.84 27.27 17.70
C GLU B 64 0.72 26.23 17.55
N LEU B 65 0.40 25.86 16.31
CA LEU B 65 -0.65 24.86 16.10
C LEU B 65 -0.28 23.54 16.76
N ILE B 66 0.99 23.14 16.69
CA ILE B 66 1.43 21.92 17.35
C ILE B 66 1.34 22.07 18.86
N LYS B 67 1.70 23.23 19.40
CA LYS B 67 1.53 23.45 20.83
C LYS B 67 0.07 23.29 21.24
N ARG B 68 -0.85 23.81 20.42
CA ARG B 68 -2.27 23.62 20.71
C ARG B 68 -2.66 22.16 20.69
N VAL B 69 -2.19 21.41 19.69
CA VAL B 69 -2.48 19.99 19.61
C VAL B 69 -1.97 19.26 20.85
N LYS B 70 -0.74 19.57 21.27
CA LYS B 70 -0.19 19.00 22.49
C LYS B 70 -1.04 19.37 23.71
N ALA B 71 -1.61 20.58 23.72
CA ALA B 71 -2.48 21.02 24.81
C ALA B 71 -3.86 20.38 24.78
N GLY B 72 -4.17 19.57 23.76
CA GLY B 72 -5.45 18.87 23.65
C GLY B 72 -6.45 19.46 22.69
N LYS B 73 -6.10 20.54 22.01
CA LYS B 73 -6.99 21.18 21.05
C LYS B 73 -6.53 20.87 19.64
N TYR B 74 -7.40 20.22 18.87
CA TYR B 74 -7.13 19.75 17.52
C TYR B 74 -7.91 20.61 16.54
N PRO B 75 -7.28 21.11 15.48
CA PRO B 75 -8.02 21.93 14.50
C PRO B 75 -9.07 21.12 13.76
N GLU B 76 -9.97 21.83 13.09
CA GLU B 76 -11.01 21.19 12.30
C GLU B 76 -10.39 20.53 11.08
N ASN B 77 -11.14 19.58 10.51
CA ASN B 77 -10.67 18.77 9.37
C ASN B 77 -9.41 18.01 9.76
N CYS B 78 -9.45 17.38 10.94
CA CYS B 78 -8.34 16.61 11.48
CA CYS B 78 -8.33 16.61 11.46
C CYS B 78 -8.86 15.31 12.07
N VAL B 79 -8.21 14.20 11.71
CA VAL B 79 -8.50 12.88 12.26
C VAL B 79 -7.79 12.75 13.60
N VAL B 80 -8.51 12.28 14.61
CA VAL B 80 -7.94 11.94 15.91
C VAL B 80 -8.26 10.47 16.18
N LYS B 81 -7.24 9.70 16.55
CA LYS B 81 -7.37 8.28 16.83
C LYS B 81 -6.67 7.92 18.13
N GLU B 82 -7.29 7.04 18.92
CA GLU B 82 -6.69 6.54 20.15
C GLU B 82 -5.74 5.40 19.84
N LEU B 83 -4.57 5.48 20.34
CA LEU B 83 -3.63 4.42 20.04
C LEU B 83 -3.79 3.27 21.04
N PRO B 84 -3.42 2.05 20.65
CA PRO B 84 -3.54 0.92 21.58
C PRO B 84 -2.47 1.00 22.66
N PRO B 85 -2.63 0.24 23.74
CA PRO B 85 -1.60 0.27 24.80
C PRO B 85 -0.26 -0.23 24.27
N ILE B 86 0.80 0.23 24.92
CA ILE B 86 2.15 -0.24 24.63
C ILE B 86 2.17 -1.76 24.71
N ASP B 87 2.86 -2.39 23.77
CA ASP B 87 2.81 -3.84 23.67
C ASP B 87 3.36 -4.50 24.92
N LYS B 88 2.61 -5.47 25.47
CA LYS B 88 3.05 -6.18 26.66
C LYS B 88 4.33 -6.96 26.41
N GLY B 89 4.50 -7.51 25.21
CA GLY B 89 5.71 -8.23 24.88
C GLY B 89 6.97 -7.39 25.05
N LEU B 90 6.89 -6.09 24.73
CA LEU B 90 8.03 -5.20 24.81
C LEU B 90 7.96 -4.24 25.99
N ALA B 91 6.85 -4.22 26.74
CA ALA B 91 6.61 -3.19 27.75
C ALA B 91 7.78 -3.04 28.71
N GLN B 92 8.32 -4.16 29.19
CA GLN B 92 9.39 -4.11 30.19
C GLN B 92 10.68 -3.48 29.66
N LEU B 93 10.86 -3.43 28.34
CA LEU B 93 12.11 -2.96 27.75
C LEU B 93 12.13 -1.46 27.51
N ASN B 94 11.08 -0.74 27.90
CA ASN B 94 10.91 0.68 27.63
C ASN B 94 11.02 0.95 26.14
N PRO B 95 10.09 0.47 25.33
CA PRO B 95 10.23 0.59 23.88
C PRO B 95 9.92 1.98 23.37
N ASN B 96 10.45 2.27 22.19
CA ASN B 96 10.07 3.46 21.43
C ASN B 96 8.78 3.16 20.68
N ARG B 97 8.01 4.21 20.42
CA ARG B 97 6.76 4.07 19.68
C ARG B 97 6.72 5.07 18.53
N LYS B 98 6.39 4.60 17.33
CA LYS B 98 6.19 5.47 16.19
C LYS B 98 4.91 5.09 15.45
N CYS B 99 4.36 6.04 14.70
CA CYS B 99 3.17 5.80 13.88
C CYS B 99 3.50 6.13 12.44
N VAL B 100 3.05 5.29 11.53
CA VAL B 100 3.20 5.55 10.10
C VAL B 100 1.81 5.56 9.48
N ILE B 101 1.57 6.54 8.61
CA ILE B 101 0.25 6.74 8.02
C ILE B 101 0.35 6.88 6.52
N ILE B 102 -0.76 7.27 5.89
CA ILE B 102 -0.87 7.30 4.42
C ILE B 102 0.15 8.23 3.78
N PHE B 103 0.66 9.21 4.51
CA PHE B 103 1.63 10.16 3.95
C PHE B 103 2.87 9.46 3.40
N THR B 104 3.30 8.38 4.05
CA THR B 104 4.44 7.60 3.56
C THR B 104 4.05 6.20 3.08
N GLY B 105 2.77 5.97 2.79
CA GLY B 105 2.34 4.74 2.15
C GLY B 105 1.74 3.65 3.01
N PHE B 106 1.29 3.97 4.23
CA PHE B 106 0.77 2.95 5.14
C PHE B 106 -0.66 3.26 5.58
N GLN B 107 -1.44 2.20 5.80
CA GLN B 107 -2.62 2.30 6.63
C GLN B 107 -2.18 2.59 8.05
N ASP B 108 -2.99 3.38 8.78
CA ASP B 108 -2.51 3.93 10.04
C ASP B 108 -2.03 2.84 11.00
N THR B 109 -0.71 2.78 11.21
CA THR B 109 -0.06 1.70 11.94
C THR B 109 0.75 2.27 13.09
N VAL B 110 0.74 1.59 14.23
CA VAL B 110 1.57 1.93 15.38
C VAL B 110 2.59 0.81 15.58
N ILE B 111 3.85 1.20 15.75
CA ILE B 111 4.96 0.26 15.87
C ILE B 111 5.67 0.56 17.18
N ASP B 112 5.78 -0.45 18.03
CA ASP B 112 6.57 -0.39 19.26
C ASP B 112 7.85 -1.17 19.02
N TYR B 113 9.01 -0.53 19.23
CA TYR B 113 10.26 -1.16 18.82
C TYR B 113 11.38 -0.88 19.80
N VAL B 114 12.33 -1.83 19.85
CA VAL B 114 13.60 -1.68 20.54
C VAL B 114 14.70 -2.27 19.66
N GLU B 115 15.93 -1.88 19.97
CA GLU B 115 17.13 -2.46 19.38
C GLU B 115 17.80 -3.31 20.46
N CYS B 116 17.90 -4.60 20.19
CA CYS B 116 18.44 -5.57 21.12
C CYS B 116 19.34 -6.51 20.34
N ASN B 117 20.59 -6.64 20.79
CA ASN B 117 21.50 -7.64 20.22
C ASN B 117 21.83 -7.32 18.77
N GLY B 118 21.98 -6.04 18.45
CA GLY B 118 22.20 -5.69 17.05
C GLY B 118 21.04 -6.05 16.14
N GLU B 119 19.87 -6.29 16.71
CA GLU B 119 18.66 -6.65 15.97
C GLU B 119 17.54 -5.70 16.36
N THR B 120 16.57 -5.54 15.46
CA THR B 120 15.37 -4.76 15.75
C THR B 120 14.26 -5.72 16.11
N LEU B 121 13.66 -5.53 17.29
CA LEU B 121 12.42 -6.20 17.66
C LEU B 121 11.31 -5.15 17.63
N ALA B 122 10.37 -5.31 16.72
CA ALA B 122 9.28 -4.36 16.56
C ALA B 122 7.96 -5.10 16.49
N VAL B 123 6.90 -4.44 16.94
CA VAL B 123 5.54 -4.96 16.83
C VAL B 123 4.69 -3.88 16.17
N ALA B 124 4.09 -4.21 15.04
CA ALA B 124 3.26 -3.29 14.27
C ALA B 124 1.80 -3.73 14.36
N ARG B 125 0.92 -2.80 14.72
CA ARG B 125 -0.50 -3.05 14.78
C ARG B 125 -1.24 -2.00 13.96
N LEU B 126 -2.27 -2.43 13.24
CA LEU B 126 -3.15 -1.46 12.59
C LEU B 126 -3.92 -0.71 13.67
N ILE B 127 -3.84 0.62 13.63
CA ILE B 127 -4.46 1.40 14.70
C ILE B 127 -5.97 1.19 14.74
N ASP B 128 -6.59 1.00 13.58
CA ASP B 128 -8.03 0.79 13.52
C ASP B 128 -8.43 -0.65 13.84
N GLU B 129 -7.62 -1.64 13.42
CA GLU B 129 -7.85 -3.05 13.70
C GLU B 129 -6.61 -3.61 14.39
N PRO B 130 -6.48 -3.41 15.71
CA PRO B 130 -5.22 -3.78 16.39
C PRO B 130 -4.92 -5.27 16.36
N GLY B 131 -5.92 -6.12 16.12
CA GLY B 131 -5.68 -7.55 15.99
C GLY B 131 -4.73 -7.90 14.85
N LYS B 132 -4.67 -7.07 13.82
CA LYS B 132 -3.74 -7.29 12.72
C LYS B 132 -2.37 -6.82 13.15
N VAL B 133 -1.49 -7.76 13.45
CA VAL B 133 -0.22 -7.49 14.13
C VAL B 133 0.88 -8.25 13.43
N CYS B 134 2.04 -7.62 13.31
CA CYS B 134 3.26 -8.27 12.83
C CYS B 134 4.36 -8.10 13.87
N ARG B 135 4.87 -9.22 14.38
CA ARG B 135 5.98 -9.25 15.32
C ARG B 135 7.24 -9.54 14.52
N PHE B 136 8.11 -8.55 14.39
CA PHE B 136 9.23 -8.59 13.49
C PHE B 136 10.53 -8.56 14.27
N ALA B 137 11.46 -9.42 13.87
CA ALA B 137 12.83 -9.41 14.40
C ALA B 137 13.77 -9.51 13.21
N GLY B 138 14.55 -8.46 12.99
CA GLY B 138 15.47 -8.47 11.86
C GLY B 138 16.46 -7.33 11.98
N LYS B 139 17.35 -7.26 10.99
CA LYS B 139 18.37 -6.24 10.95
C LYS B 139 17.88 -4.94 10.30
N GLY B 140 16.66 -4.94 9.78
CA GLY B 140 16.12 -3.76 9.15
C GLY B 140 15.48 -2.80 10.13
N ASN B 141 14.95 -1.71 9.57
CA ASN B 141 14.31 -0.66 10.31
C ASN B 141 12.98 -1.14 10.89
N TYR B 142 12.53 -0.49 11.96
CA TYR B 142 11.22 -0.82 12.52
C TYR B 142 10.10 -0.70 11.47
N LYS B 143 10.24 0.22 10.52
CA LYS B 143 9.24 0.38 9.46
C LYS B 143 9.01 -0.91 8.69
N VAL B 144 10.02 -1.78 8.60
CA VAL B 144 9.86 -3.05 7.92
C VAL B 144 8.68 -3.84 8.51
N ALA B 145 8.56 -3.83 9.84
CA ALA B 145 7.40 -4.45 10.49
C ALA B 145 6.08 -3.94 9.91
N ALA B 146 5.97 -2.63 9.69
CA ALA B 146 4.80 -2.09 9.01
C ALA B 146 4.68 -2.67 7.61
N VAL B 147 5.79 -2.67 6.86
CA VAL B 147 5.76 -3.14 5.47
C VAL B 147 5.19 -4.55 5.39
N LYS B 148 5.77 -5.50 6.13
CA LYS B 148 5.23 -6.85 6.14
C LYS B 148 3.75 -6.83 6.49
N LEU B 149 3.40 -6.05 7.53
CA LEU B 149 2.00 -5.89 7.91
C LEU B 149 1.14 -5.46 6.72
N LYS B 150 1.62 -4.46 5.97
CA LYS B 150 0.88 -3.98 4.80
C LYS B 150 0.70 -5.09 3.75
N ARG B 151 1.71 -5.93 3.60
CA ARG B 151 1.73 -6.96 2.56
C ARG B 151 1.16 -8.30 3.01
N ASN B 152 0.62 -8.38 4.23
CA ASN B 152 0.02 -9.61 4.75
C ASN B 152 1.03 -10.75 4.84
N GLU B 153 2.31 -10.40 4.95
CA GLU B 153 3.34 -11.40 5.18
C GLU B 153 3.25 -11.88 6.63
N PRO B 154 3.41 -13.18 6.86
CA PRO B 154 3.37 -13.68 8.25
C PRO B 154 4.64 -13.31 9.01
N CYS B 155 4.45 -13.01 10.29
CA CYS B 155 5.54 -12.65 11.20
C CYS B 155 5.57 -13.68 12.33
N LEU B 156 6.39 -13.41 13.34
CA LEU B 156 6.62 -14.36 14.43
C LEU B 156 5.36 -14.56 15.27
N THR B 157 5.25 -15.75 15.87
CA THR B 157 4.21 -16.01 16.85
C THR B 157 4.53 -15.30 18.16
N ARG B 158 3.51 -15.15 19.02
CA ARG B 158 3.70 -14.47 20.30
C ARG B 158 4.87 -15.07 21.08
N GLU B 159 4.89 -16.40 21.22
CA GLU B 159 5.96 -17.07 21.97
C GLU B 159 7.32 -16.84 21.34
N GLU B 160 7.42 -17.01 20.01
CA GLU B 160 8.66 -16.71 19.29
C GLU B 160 9.20 -15.31 19.61
N PHE B 161 8.36 -14.28 19.45
CA PHE B 161 8.78 -12.92 19.79
C PHE B 161 9.22 -12.83 21.25
N LEU B 162 8.47 -13.44 22.16
CA LEU B 162 8.82 -13.42 23.58
C LEU B 162 10.21 -14.01 23.80
N LYS B 163 10.52 -15.10 23.09
CA LYS B 163 11.86 -15.67 23.12
C LYS B 163 12.91 -14.67 22.64
N LYS B 164 12.66 -14.06 21.47
CA LYS B 164 13.59 -13.07 20.93
C LYS B 164 13.80 -11.92 21.91
N VAL B 165 12.80 -11.60 22.72
CA VAL B 165 12.98 -10.60 23.78
C VAL B 165 13.95 -11.11 24.83
N MET C 1 20.00 21.75 -3.27
CA MET C 1 19.89 21.83 -1.81
C MET C 1 20.11 20.45 -1.17
N TYR C 2 20.61 20.46 0.06
CA TYR C 2 20.83 19.25 0.81
C TYR C 2 19.58 18.88 1.60
N SER C 3 19.35 17.57 1.73
CA SER C 3 18.46 17.11 2.78
C SER C 3 19.26 17.09 4.07
N VAL C 4 18.66 17.56 5.15
CA VAL C 4 19.36 17.76 6.42
C VAL C 4 18.74 16.84 7.45
N LYS C 5 19.58 16.10 8.17
CA LYS C 5 19.19 15.35 9.34
C LYS C 5 20.03 15.87 10.51
N LYS C 6 19.37 16.26 11.60
CA LYS C 6 20.05 16.84 12.75
C LYS C 6 19.64 16.11 14.03
N SER C 7 20.62 15.81 14.89
CA SER C 7 20.33 15.16 16.16
C SER C 7 21.47 15.47 17.14
N LYS C 8 21.33 14.96 18.37
CA LYS C 8 22.38 15.14 19.37
C LYS C 8 23.72 14.60 18.89
N SER C 9 23.71 13.59 18.02
CA SER C 9 24.94 13.03 17.47
C SER C 9 25.60 13.97 16.45
N GLY C 10 24.82 14.77 15.75
CA GLY C 10 25.43 15.68 14.79
C GLY C 10 24.48 16.04 13.66
N TYR C 11 25.07 16.24 12.48
CA TYR C 11 24.36 16.67 11.29
C TYR C 11 24.76 15.78 10.12
N ILE C 12 23.83 15.58 9.19
CA ILE C 12 24.11 14.94 7.91
C ILE C 12 23.42 15.73 6.82
N PHE C 13 24.17 16.09 5.79
CA PHE C 13 23.70 16.84 4.64
C PHE C 13 23.87 15.94 3.42
N ASP C 14 22.76 15.60 2.76
CA ASP C 14 22.76 14.58 1.73
C ASP C 14 22.30 15.14 0.40
N LYS C 15 22.94 14.67 -0.66
CA LYS C 15 22.57 14.86 -2.06
C LYS C 15 22.75 13.53 -2.74
N PRO C 16 22.09 13.31 -3.91
CA PRO C 16 22.09 11.96 -4.52
C PRO C 16 23.43 11.22 -4.48
N ARG C 17 24.53 11.90 -4.76
CA ARG C 17 25.85 11.26 -4.75
C ARG C 17 26.85 12.05 -3.90
N GLU C 18 26.37 12.67 -2.82
CA GLU C 18 27.25 13.44 -1.96
C GLU C 18 26.74 13.41 -0.53
N ARG C 19 27.66 13.38 0.42
CA ARG C 19 27.29 13.48 1.82
C ARG C 19 28.32 14.30 2.58
N ILE C 20 27.82 15.16 3.47
CA ILE C 20 28.64 15.92 4.41
C ILE C 20 28.09 15.62 5.79
N ALA C 21 28.89 14.96 6.64
CA ALA C 21 28.45 14.61 7.98
C ALA C 21 29.33 15.29 9.01
N PHE C 22 28.73 15.71 10.11
CA PHE C 22 29.42 16.22 11.28
C PHE C 22 28.96 15.44 12.50
N MET C 23 29.90 14.98 13.31
CA MET C 23 29.54 14.21 14.49
C MET C 23 30.25 14.77 15.70
N PHE C 24 29.55 14.79 16.84
CA PHE C 24 30.08 15.27 18.10
C PHE C 24 30.53 14.05 18.90
N LEU C 25 31.83 13.94 19.18
CA LEU C 25 32.34 12.79 19.92
C LEU C 25 33.06 13.19 21.20
N LYS C 26 34.15 13.92 21.09
CA LYS C 26 34.80 14.50 22.25
C LYS C 26 34.20 15.90 22.40
N ASP C 27 34.84 16.79 23.14
CA ASP C 27 34.19 18.08 23.32
C ASP C 27 34.32 18.90 22.02
N GLY C 28 34.50 18.21 20.89
CA GLY C 28 34.61 18.84 19.59
C GLY C 28 33.82 18.22 18.46
N THR C 29 34.08 18.67 17.23
CA THR C 29 33.34 18.25 16.05
C THR C 29 34.25 17.56 15.04
N TYR C 30 33.85 16.37 14.60
CA TYR C 30 34.51 15.62 13.54
C TYR C 30 33.68 15.73 12.27
N PHE C 31 34.32 15.66 11.13
CA PHE C 31 33.63 15.78 9.86
C PHE C 31 34.01 14.64 8.91
N MET C 32 33.07 14.34 8.01
CA MET C 32 33.27 13.47 6.86
C MET C 32 32.63 14.13 5.63
N TYR C 33 33.30 14.02 4.49
CA TYR C 33 32.75 14.47 3.23
C TYR C 33 32.99 13.39 2.19
N HIS C 34 32.03 13.18 1.30
CA HIS C 34 32.28 12.34 0.15
C HIS C 34 31.41 12.78 -1.01
N ASP C 35 31.94 12.60 -2.21
CA ASP C 35 31.23 12.82 -3.45
C ASP C 35 31.36 11.52 -4.22
N GLY C 36 31.09 11.54 -5.52
CA GLY C 36 31.17 10.33 -6.30
C GLY C 36 32.53 9.66 -6.29
N ARG C 37 33.61 10.45 -6.09
CA ARG C 37 34.96 9.96 -6.31
C ARG C 37 35.87 9.96 -5.09
N ILE C 38 35.65 10.84 -4.12
CA ILE C 38 36.59 11.08 -3.04
C ILE C 38 35.89 10.96 -1.68
N LEU C 39 36.54 10.29 -0.71
CA LEU C 39 36.05 10.27 0.66
C LEU C 39 37.12 10.84 1.60
N CYS C 40 36.72 11.80 2.43
CA CYS C 40 37.63 12.46 3.35
CA CYS C 40 37.63 12.46 3.34
C CYS C 40 36.99 12.52 4.72
N TYR C 41 37.80 12.34 5.75
CA TYR C 41 37.27 12.57 7.10
C TYR C 41 38.40 12.82 8.07
N SER C 42 38.03 13.41 9.20
CA SER C 42 39.01 13.92 10.16
C SER C 42 39.22 12.91 11.27
N LEU C 43 40.49 12.65 11.60
CA LEU C 43 40.86 11.85 12.76
C LEU C 43 40.83 12.62 14.06
N LYS C 44 40.81 13.95 13.97
CA LYS C 44 40.74 14.91 15.05
C LYS C 44 39.56 15.86 14.87
N PRO C 45 39.03 16.43 15.96
CA PRO C 45 38.01 17.47 15.80
C PRO C 45 38.57 18.64 15.00
N VAL C 46 37.69 19.23 14.21
CA VAL C 46 38.01 20.41 13.44
C VAL C 46 37.22 21.56 14.04
N ASP C 47 37.76 22.77 13.90
CA ASP C 47 37.18 23.96 14.52
C ASP C 47 36.06 24.54 13.64
N VAL C 48 34.94 23.82 13.63
CA VAL C 48 33.74 24.27 12.95
C VAL C 48 32.65 24.40 14.01
N SER C 49 32.09 25.59 14.14
CA SER C 49 31.13 25.86 15.19
C SER C 49 29.75 25.34 14.83
N ARG C 50 28.95 25.09 15.86
CA ARG C 50 27.54 24.77 15.65
C ARG C 50 26.79 25.93 14.99
N GLU C 51 27.23 27.17 15.22
CA GLU C 51 26.68 28.31 14.48
C GLU C 51 26.86 28.14 12.97
N GLU C 52 28.07 27.74 12.54
CA GLU C 52 28.32 27.52 11.12
C GLU C 52 27.43 26.43 10.54
N LEU C 53 27.22 25.35 11.30
CA LEU C 53 26.29 24.30 10.88
C LEU C 53 24.85 24.81 10.79
N GLU C 54 24.42 25.60 11.79
CA GLU C 54 23.11 26.25 11.71
C GLU C 54 22.99 27.05 10.42
N GLU C 55 24.03 27.82 10.09
CA GLU C 55 24.01 28.61 8.86
C GLU C 55 23.94 27.72 7.63
N PHE C 56 24.66 26.60 7.65
CA PHE C 56 24.57 25.64 6.56
C PHE C 56 23.14 25.13 6.40
N GLU C 57 22.52 24.74 7.51
CA GLU C 57 21.15 24.25 7.47
C GLU C 57 20.19 25.31 6.96
N ARG C 58 20.43 26.56 7.32
CA ARG C 58 19.50 27.65 6.97
C ARG C 58 19.62 28.05 5.51
N THR C 59 20.84 28.18 4.98
CA THR C 59 21.04 28.77 3.65
C THR C 59 21.57 27.81 2.61
N GLY C 60 22.03 26.62 2.99
CA GLY C 60 22.64 25.73 2.03
C GLY C 60 24.07 26.07 1.68
N GLU C 61 24.66 27.09 2.32
CA GLU C 61 26.06 27.46 2.11
C GLU C 61 26.94 26.63 3.04
N PRO C 62 27.78 25.74 2.52
CA PRO C 62 28.63 24.91 3.39
C PRO C 62 29.66 25.76 4.11
N PRO C 63 30.14 25.30 5.26
CA PRO C 63 31.23 26.03 5.94
C PRO C 63 32.45 26.08 5.04
N GLU C 64 33.30 27.09 5.30
CA GLU C 64 34.49 27.29 4.47
C GLU C 64 35.35 26.03 4.38
N LEU C 65 35.44 25.29 5.49
CA LEU C 65 36.22 24.06 5.49
C LEU C 65 35.72 23.08 4.44
N ILE C 66 34.40 22.97 4.32
CA ILE C 66 33.84 22.09 3.30
C ILE C 66 34.13 22.64 1.91
N LYS C 67 34.08 23.96 1.74
CA LYS C 67 34.42 24.53 0.44
C LYS C 67 35.83 24.16 0.05
N ARG C 68 36.76 24.25 1.01
CA ARG C 68 38.15 23.87 0.76
C ARG C 68 38.26 22.38 0.40
N VAL C 69 37.61 21.52 1.17
CA VAL C 69 37.68 20.09 0.88
C VAL C 69 37.12 19.80 -0.50
N LYS C 70 35.98 20.40 -0.84
CA LYS C 70 35.41 20.24 -2.18
C LYS C 70 36.37 20.72 -3.26
N ALA C 71 37.10 21.80 -2.99
CA ALA C 71 38.05 22.32 -3.95
C ALA C 71 39.31 21.47 -4.04
N GLY C 72 39.42 20.41 -3.25
CA GLY C 72 40.61 19.61 -3.22
C GLY C 72 41.55 19.95 -2.07
N LYS C 73 41.15 20.83 -1.16
CA LYS C 73 42.02 21.33 -0.10
C LYS C 73 41.69 20.58 1.18
N TYR C 74 42.63 19.78 1.68
CA TYR C 74 42.35 18.97 2.85
C TYR C 74 43.13 19.42 4.07
N PRO C 75 42.47 19.65 5.20
CA PRO C 75 43.18 20.03 6.42
C PRO C 75 44.06 18.90 6.94
N GLU C 76 44.95 19.24 7.86
CA GLU C 76 45.88 18.28 8.43
C GLU C 76 45.16 17.23 9.28
N ASN C 77 45.78 16.05 9.37
CA ASN C 77 45.23 14.92 10.12
C ASN C 77 43.85 14.57 9.59
N CYS C 78 43.79 14.30 8.29
CA CYS C 78 42.54 14.02 7.58
CA CYS C 78 42.53 14.00 7.61
C CYS C 78 42.79 12.92 6.56
N VAL C 79 42.07 11.82 6.69
CA VAL C 79 42.19 10.67 5.79
C VAL C 79 41.48 10.98 4.50
N VAL C 80 42.13 10.69 3.38
CA VAL C 80 41.55 10.80 2.05
C VAL C 80 41.65 9.43 1.37
N LYS C 81 40.54 8.97 0.80
CA LYS C 81 40.47 7.68 0.12
C LYS C 81 39.77 7.86 -1.23
N GLU C 82 40.28 7.17 -2.24
CA GLU C 82 39.66 7.16 -3.56
C GLU C 82 38.57 6.10 -3.61
N LEU C 83 37.39 6.49 -4.10
CA LEU C 83 36.27 5.56 -4.16
C LEU C 83 36.34 4.74 -5.45
N PRO C 84 35.75 3.55 -5.46
CA PRO C 84 35.73 2.73 -6.69
C PRO C 84 34.75 3.30 -7.70
N PRO C 85 34.83 2.87 -8.96
CA PRO C 85 33.88 3.36 -9.95
C PRO C 85 32.45 2.95 -9.60
N ILE C 86 31.49 3.76 -10.06
CA ILE C 86 30.08 3.43 -9.89
C ILE C 86 29.84 2.03 -10.43
N ASP C 87 29.04 1.25 -9.72
CA ASP C 87 28.86 -0.15 -10.08
C ASP C 87 28.27 -0.27 -11.48
N LYS C 88 28.90 -1.11 -12.31
CA LYS C 88 28.42 -1.36 -13.67
C LYS C 88 27.04 -2.00 -13.67
N GLY C 89 26.75 -2.86 -12.71
CA GLY C 89 25.43 -3.47 -12.63
C GLY C 89 24.30 -2.48 -12.54
N LEU C 90 24.51 -1.38 -11.82
CA LEU C 90 23.48 -0.35 -11.65
C LEU C 90 23.74 0.94 -12.42
N ALA C 91 24.87 1.06 -13.10
CA ALA C 91 25.28 2.33 -13.70
C ALA C 91 24.18 2.94 -14.59
N GLN C 92 23.52 2.11 -15.41
CA GLN C 92 22.54 2.65 -16.35
C GLN C 92 21.33 3.25 -15.65
N LEU C 93 21.11 2.92 -14.38
CA LEU C 93 19.93 3.36 -13.64
C LEU C 93 20.11 4.69 -12.93
N ASN C 94 21.26 5.35 -13.09
CA ASN C 94 21.57 6.59 -12.37
C ASN C 94 21.45 6.38 -10.87
N PRO C 95 22.29 5.55 -10.26
CA PRO C 95 22.13 5.23 -8.84
C PRO C 95 22.60 6.36 -7.94
N ASN C 96 22.07 6.34 -6.72
CA ASN C 96 22.59 7.18 -5.65
C ASN C 96 23.82 6.50 -5.06
N ARG C 97 24.71 7.31 -4.49
CA ARG C 97 25.91 6.80 -3.83
C ARG C 97 26.03 7.43 -2.45
N LYS C 98 26.28 6.59 -1.44
CA LYS C 98 26.57 7.06 -0.09
C LYS C 98 27.75 6.26 0.46
N CYS C 99 28.42 6.83 1.45
CA CYS C 99 29.50 6.15 2.16
C CYS C 99 29.15 6.11 3.65
N VAL C 100 29.44 4.98 4.28
CA VAL C 100 29.27 4.83 5.72
C VAL C 100 30.64 4.50 6.32
N ILE C 101 30.98 5.15 7.44
CA ILE C 101 32.29 5.01 8.05
C ILE C 101 32.13 4.73 9.54
N ILE C 102 33.24 4.77 10.28
CA ILE C 102 33.27 4.34 11.67
C ILE C 102 32.32 5.14 12.55
N PHE C 103 31.96 6.36 12.16
CA PHE C 103 31.07 7.19 12.98
C PHE C 103 29.75 6.47 13.26
N THR C 104 29.23 5.73 12.29
CA THR C 104 27.99 4.99 12.47
C THR C 104 28.20 3.49 12.54
N GLY C 105 29.43 3.04 12.83
CA GLY C 105 29.66 1.64 13.13
C GLY C 105 30.18 0.78 12.00
N PHE C 106 30.72 1.37 10.94
CA PHE C 106 31.14 0.61 9.78
C PHE C 106 32.61 0.82 9.44
N GLN C 107 33.21 -0.23 8.90
CA GLN C 107 34.41 -0.07 8.09
C GLN C 107 34.04 0.69 6.83
N ASP C 108 34.98 1.48 6.32
CA ASP C 108 34.66 2.43 5.27
C ASP C 108 34.05 1.74 4.05
N THR C 109 32.75 1.98 3.84
CA THR C 109 31.98 1.27 2.82
C THR C 109 31.32 2.26 1.87
N VAL C 110 31.33 1.94 0.59
CA VAL C 110 30.65 2.74 -0.43
C VAL C 110 29.49 1.91 -0.94
N ILE C 111 28.30 2.52 -0.98
CA ILE C 111 27.07 1.84 -1.38
C ILE C 111 26.44 2.61 -2.53
N ASP C 112 26.24 1.91 -3.64
CA ASP C 112 25.51 2.42 -4.80
C ASP C 112 24.14 1.75 -4.79
N TYR C 113 23.07 2.56 -4.80
CA TYR C 113 21.73 2.02 -4.59
C TYR C 113 20.69 2.72 -5.45
N VAL C 114 19.63 1.96 -5.77
CA VAL C 114 18.42 2.47 -6.40
C VAL C 114 17.21 1.82 -5.73
N GLU C 115 16.06 2.45 -5.94
CA GLU C 115 14.77 1.88 -5.55
C GLU C 115 14.02 1.48 -6.81
N CYS C 116 13.73 0.19 -6.95
CA CYS C 116 13.06 -0.34 -8.13
C CYS C 116 11.97 -1.31 -7.70
N ASN C 117 10.74 -1.04 -8.14
CA ASN C 117 9.63 -1.98 -8.00
C ASN C 117 9.33 -2.27 -6.54
N GLY C 118 9.33 -1.22 -5.71
CA GLY C 118 9.12 -1.38 -4.29
C GLY C 118 10.20 -2.14 -3.57
N GLU C 119 11.37 -2.31 -4.18
CA GLU C 119 12.50 -2.98 -3.54
C GLU C 119 13.73 -2.08 -3.59
N THR C 120 14.65 -2.30 -2.67
CA THR C 120 15.94 -1.62 -2.68
C THR C 120 16.95 -2.56 -3.32
N LEU C 121 17.61 -2.08 -4.38
CA LEU C 121 18.77 -2.75 -4.98
C LEU C 121 20.01 -1.95 -4.63
N ALA C 122 20.88 -2.53 -3.82
CA ALA C 122 22.09 -1.85 -3.39
C ALA C 122 23.29 -2.75 -3.57
N VAL C 123 24.45 -2.15 -3.82
CA VAL C 123 25.70 -2.87 -3.85
C VAL C 123 26.67 -2.13 -2.94
N ALA C 124 27.17 -2.83 -1.94
CA ALA C 124 28.07 -2.27 -0.95
C ALA C 124 29.45 -2.90 -1.14
N ARG C 125 30.47 -2.05 -1.22
CA ARG C 125 31.85 -2.48 -1.34
C ARG C 125 32.69 -1.85 -0.25
N LEU C 126 33.61 -2.64 0.30
CA LEU C 126 34.59 -2.06 1.21
C LEU C 126 35.53 -1.18 0.40
N ILE C 127 35.68 0.07 0.81
CA ILE C 127 36.48 1.03 0.03
C ILE C 127 37.94 0.58 -0.03
N ASP C 128 38.45 -0.02 1.05
CA ASP C 128 39.85 -0.45 1.06
C ASP C 128 40.06 -1.75 0.31
N GLU C 129 39.10 -2.69 0.36
CA GLU C 129 39.16 -3.96 -0.36
C GLU C 129 37.90 -4.08 -1.21
N PRO C 130 37.86 -3.45 -2.38
CA PRO C 130 36.60 -3.41 -3.16
C PRO C 130 36.14 -4.77 -3.61
N GLY C 131 37.01 -5.78 -3.64
CA GLY C 131 36.59 -7.12 -3.96
C GLY C 131 35.55 -7.66 -2.99
N LYS C 132 35.54 -7.15 -1.75
CA LYS C 132 34.55 -7.53 -0.76
C LYS C 132 33.25 -6.79 -1.07
N VAL C 133 32.24 -7.51 -1.55
CA VAL C 133 31.03 -6.94 -2.12
C VAL C 133 29.82 -7.66 -1.56
N CYS C 134 28.76 -6.90 -1.30
CA CYS C 134 27.45 -7.46 -1.01
C CYS C 134 26.44 -6.84 -1.97
N ARG C 135 25.78 -7.68 -2.77
CA ARG C 135 24.68 -7.25 -3.62
C ARG C 135 23.37 -7.61 -2.93
N PHE C 136 22.64 -6.59 -2.52
CA PHE C 136 21.46 -6.71 -1.67
C PHE C 136 20.20 -6.29 -2.43
N ALA C 137 19.16 -7.09 -2.29
CA ALA C 137 17.83 -6.78 -2.80
C ALA C 137 16.85 -7.05 -1.67
N GLY C 138 16.19 -6.01 -1.19
CA GLY C 138 15.31 -6.27 -0.07
C GLY C 138 14.39 -5.12 0.24
N LYS C 139 13.59 -5.31 1.29
CA LYS C 139 12.64 -4.30 1.73
C LYS C 139 13.26 -3.28 2.65
N GLY C 140 14.52 -3.47 3.08
CA GLY C 140 15.18 -2.55 3.99
C GLY C 140 15.93 -1.43 3.28
N ASN C 141 16.52 -0.57 4.09
CA ASN C 141 17.29 0.57 3.60
C ASN C 141 18.62 0.08 3.00
N TYR C 142 19.21 0.90 2.12
CA TYR C 142 20.48 0.53 1.50
C TYR C 142 21.56 0.21 2.54
N LYS C 143 21.51 0.85 3.71
CA LYS C 143 22.51 0.58 4.74
C LYS C 143 22.58 -0.91 5.09
N VAL C 144 21.49 -1.64 4.91
CA VAL C 144 21.48 -3.09 5.19
C VAL C 144 22.56 -3.81 4.39
N ALA C 145 22.75 -3.43 3.13
CA ALA C 145 23.86 -3.98 2.34
C ALA C 145 25.20 -3.81 3.06
N ALA C 146 25.43 -2.65 3.66
CA ALA C 146 26.63 -2.49 4.49
C ALA C 146 26.63 -3.48 5.64
N VAL C 147 25.51 -3.58 6.36
CA VAL C 147 25.42 -4.46 7.54
C VAL C 147 25.81 -5.89 7.17
N LYS C 148 25.13 -6.47 6.17
CA LYS C 148 25.48 -7.81 5.73
C LYS C 148 26.98 -7.89 5.42
N LEU C 149 27.49 -6.91 4.68
CA LEU C 149 28.92 -6.83 4.39
C LEU C 149 29.76 -6.86 5.66
N LYS C 150 29.35 -6.08 6.65
CA LYS C 150 30.04 -6.05 7.94
C LYS C 150 30.04 -7.41 8.60
N ARG C 151 28.94 -8.15 8.50
CA ARG C 151 28.80 -9.42 9.22
C ARG C 151 29.22 -10.62 8.37
N ASN C 152 29.79 -10.40 7.18
CA ASN C 152 30.25 -11.45 6.29
C ASN C 152 29.12 -12.36 5.86
N GLU C 153 27.89 -11.84 5.87
CA GLU C 153 26.76 -12.59 5.36
C GLU C 153 26.83 -12.66 3.84
N PRO C 154 26.48 -13.81 3.25
CA PRO C 154 26.49 -13.90 1.79
C PRO C 154 25.31 -13.15 1.22
N CYS C 155 25.55 -12.46 0.12
CA CYS C 155 24.51 -11.70 -0.55
C CYS C 155 24.34 -12.30 -1.94
N LEU C 156 23.54 -11.65 -2.78
CA LEU C 156 23.23 -12.24 -4.08
C LEU C 156 24.47 -12.33 -4.95
N THR C 157 24.56 -13.40 -5.73
CA THR C 157 25.64 -13.45 -6.71
C THR C 157 25.27 -12.54 -7.88
N ARG C 158 26.25 -12.30 -8.75
CA ARG C 158 26.06 -11.41 -9.90
C ARG C 158 24.78 -11.74 -10.69
N GLU C 159 24.55 -13.03 -10.99
CA GLU C 159 23.40 -13.42 -11.80
C GLU C 159 22.07 -13.03 -11.15
N GLU C 160 21.87 -13.42 -9.88
CA GLU C 160 20.66 -13.02 -9.14
C GLU C 160 20.43 -11.52 -9.21
N PHE C 161 21.43 -10.75 -8.78
CA PHE C 161 21.31 -9.29 -8.76
C PHE C 161 20.99 -8.72 -10.14
N LEU C 162 21.73 -9.14 -11.17
CA LEU C 162 21.49 -8.62 -12.51
C LEU C 162 20.08 -8.96 -12.99
N LYS C 163 19.60 -10.17 -12.69
CA LYS C 163 18.22 -10.51 -12.99
C LYS C 163 17.25 -9.55 -12.30
N LYS C 164 17.42 -9.35 -10.98
CA LYS C 164 16.57 -8.41 -10.25
C LYS C 164 16.67 -7.00 -10.81
N VAL C 165 17.81 -6.64 -11.39
CA VAL C 165 17.97 -5.35 -12.05
C VAL C 165 17.10 -5.30 -13.30
N MET D 1 -14.79 0.31 -22.82
CA MET D 1 -14.11 0.10 -21.53
CA MET D 1 -14.04 0.13 -21.58
C MET D 1 -14.13 1.35 -20.67
N TYR D 2 -13.05 2.13 -20.65
CA TYR D 2 -13.02 3.28 -19.77
C TYR D 2 -13.76 4.47 -20.35
N SER D 3 -14.60 5.09 -19.53
CA SER D 3 -15.06 6.44 -19.81
C SER D 3 -13.97 7.39 -19.34
N VAL D 4 -13.56 8.30 -20.20
CA VAL D 4 -12.37 9.11 -19.95
C VAL D 4 -12.80 10.56 -19.82
N LYS D 5 -12.41 11.19 -18.72
CA LYS D 5 -12.61 12.60 -18.48
C LYS D 5 -11.25 13.26 -18.43
N LYS D 6 -11.05 14.28 -19.26
CA LYS D 6 -9.74 14.90 -19.41
C LYS D 6 -9.89 16.40 -19.25
N SER D 7 -9.01 16.99 -18.45
CA SER D 7 -8.94 18.43 -18.28
C SER D 7 -7.51 18.79 -17.90
N LYS D 8 -7.24 20.10 -17.79
CA LYS D 8 -5.93 20.54 -17.35
C LYS D 8 -5.58 20.02 -15.97
N SER D 9 -6.58 19.62 -15.18
CA SER D 9 -6.35 19.01 -13.88
C SER D 9 -5.85 17.57 -14.00
N GLY D 10 -6.27 16.83 -15.03
CA GLY D 10 -5.79 15.47 -15.16
C GLY D 10 -6.73 14.60 -15.98
N TYR D 11 -6.69 13.30 -15.68
CA TYR D 11 -7.44 12.27 -16.38
C TYR D 11 -8.22 11.44 -15.38
N ILE D 12 -9.33 10.89 -15.83
CA ILE D 12 -10.13 9.94 -15.05
C ILE D 12 -10.59 8.85 -16.00
N PHE D 13 -10.25 7.61 -15.68
CA PHE D 13 -10.66 6.44 -16.45
C PHE D 13 -11.61 5.64 -15.57
N ASP D 14 -12.88 5.58 -15.96
CA ASP D 14 -13.93 5.02 -15.11
C ASP D 14 -14.56 3.78 -15.75
N LYS D 15 -14.86 2.82 -14.89
CA LYS D 15 -15.75 1.70 -15.13
C LYS D 15 -16.68 1.62 -13.93
N PRO D 16 -17.85 1.02 -14.08
CA PRO D 16 -18.83 1.03 -12.97
C PRO D 16 -18.27 0.75 -11.58
N ARG D 17 -17.34 -0.20 -11.44
CA ARG D 17 -16.74 -0.50 -10.13
C ARG D 17 -15.22 -0.34 -10.13
N GLU D 18 -14.69 0.53 -11.00
CA GLU D 18 -13.24 0.75 -11.06
C GLU D 18 -12.95 2.19 -11.44
N ARG D 19 -11.91 2.76 -10.85
CA ARG D 19 -11.49 4.10 -11.23
C ARG D 19 -9.97 4.21 -11.22
N ILE D 20 -9.42 4.81 -12.28
CA ILE D 20 -8.01 5.17 -12.36
C ILE D 20 -7.95 6.67 -12.61
N ALA D 21 -7.54 7.45 -11.61
CA ALA D 21 -7.51 8.90 -11.72
C ALA D 21 -6.08 9.40 -11.64
N PHE D 22 -5.75 10.38 -12.48
CA PHE D 22 -4.45 11.02 -12.49
C PHE D 22 -4.63 12.52 -12.37
N MET D 23 -3.90 13.12 -11.46
CA MET D 23 -4.02 14.53 -11.14
C MET D 23 -2.67 15.22 -11.33
N PHE D 24 -2.67 16.37 -12.00
CA PHE D 24 -1.46 17.16 -12.20
C PHE D 24 -1.42 18.25 -11.14
N LEU D 25 -0.47 18.15 -10.21
CA LEU D 25 -0.28 19.12 -9.15
C LEU D 25 1.12 19.73 -9.24
N LYS D 26 1.42 20.59 -8.26
CA LYS D 26 2.60 21.44 -8.31
C LYS D 26 3.87 20.67 -8.64
N ASP D 27 4.06 19.51 -8.01
CA ASP D 27 5.31 18.77 -8.17
C ASP D 27 5.19 17.56 -9.08
N GLY D 28 4.08 17.41 -9.83
CA GLY D 28 4.03 16.32 -10.78
C GLY D 28 2.68 15.62 -10.78
N THR D 29 2.70 14.38 -11.26
CA THR D 29 1.50 13.59 -11.52
C THR D 29 1.25 12.61 -10.38
N TYR D 30 0.04 12.62 -9.84
CA TYR D 30 -0.41 11.73 -8.77
C TYR D 30 -1.50 10.81 -9.29
N PHE D 31 -1.60 9.61 -8.70
CA PHE D 31 -2.57 8.63 -9.18
C PHE D 31 -3.39 8.08 -8.02
N MET D 32 -4.60 7.62 -8.36
CA MET D 32 -5.39 6.76 -7.50
C MET D 32 -6.02 5.65 -8.33
N TYR D 33 -6.01 4.43 -7.82
CA TYR D 33 -6.61 3.29 -8.50
C TYR D 33 -7.45 2.50 -7.52
N HIS D 34 -8.62 2.08 -7.97
CA HIS D 34 -9.34 1.10 -7.18
C HIS D 34 -10.22 0.23 -8.07
N ASP D 35 -10.43 -0.99 -7.59
CA ASP D 35 -11.34 -1.94 -8.23
C ASP D 35 -12.32 -2.35 -7.13
N GLY D 36 -13.01 -3.47 -7.33
CA GLY D 36 -13.99 -3.93 -6.35
C GLY D 36 -13.42 -4.22 -4.99
N ARG D 37 -12.16 -4.64 -4.92
CA ARG D 37 -11.57 -5.13 -3.66
C ARG D 37 -10.36 -4.34 -3.17
N ILE D 38 -9.62 -3.67 -4.05
CA ILE D 38 -8.32 -3.08 -3.72
C ILE D 38 -8.35 -1.59 -4.02
N LEU D 39 -7.74 -0.80 -3.12
CA LEU D 39 -7.50 0.62 -3.31
C LEU D 39 -6.00 0.89 -3.14
N CYS D 40 -5.36 1.44 -4.18
CA CYS D 40 -3.97 1.85 -4.11
CA CYS D 40 -3.96 1.86 -4.10
C CYS D 40 -3.88 3.31 -4.50
N TYR D 41 -3.00 4.04 -3.82
CA TYR D 41 -2.76 5.42 -4.22
C TYR D 41 -1.46 5.86 -3.57
N SER D 42 -0.85 6.90 -4.13
CA SER D 42 0.38 7.44 -3.57
C SER D 42 0.22 8.93 -3.29
N LEU D 43 0.69 9.37 -2.11
CA LEU D 43 0.81 10.79 -1.81
C LEU D 43 2.12 11.40 -2.32
N LYS D 44 2.98 10.63 -2.96
CA LYS D 44 4.10 11.21 -3.69
C LYS D 44 3.91 11.03 -5.19
N PRO D 45 4.53 11.87 -6.03
CA PRO D 45 4.30 11.75 -7.47
C PRO D 45 4.86 10.46 -8.04
N VAL D 46 4.27 10.03 -9.16
CA VAL D 46 4.63 8.78 -9.82
C VAL D 46 5.06 9.09 -11.26
N ASP D 47 5.94 8.24 -11.79
CA ASP D 47 6.45 8.40 -13.16
C ASP D 47 5.40 7.89 -14.15
N VAL D 48 4.40 8.72 -14.40
CA VAL D 48 3.43 8.49 -15.47
C VAL D 48 3.43 9.72 -16.35
N SER D 49 3.87 9.57 -17.60
CA SER D 49 3.90 10.67 -18.54
C SER D 49 2.53 10.86 -19.20
N ARG D 50 2.27 12.09 -19.66
CA ARG D 50 1.08 12.28 -20.47
C ARG D 50 1.24 11.68 -21.86
N GLU D 51 2.46 11.29 -22.25
CA GLU D 51 2.58 10.37 -23.37
C GLU D 51 1.90 9.04 -23.04
N GLU D 52 2.21 8.50 -21.85
CA GLU D 52 1.54 7.29 -21.37
C GLU D 52 0.05 7.51 -21.16
N LEU D 53 -0.34 8.66 -20.58
CA LEU D 53 -1.75 8.96 -20.36
C LEU D 53 -2.51 9.07 -21.68
N GLU D 54 -1.97 9.85 -22.63
CA GLU D 54 -2.52 9.94 -23.97
C GLU D 54 -2.67 8.56 -24.61
N GLU D 55 -1.61 7.75 -24.55
CA GLU D 55 -1.67 6.37 -25.03
C GLU D 55 -2.81 5.61 -24.37
N PHE D 56 -2.98 5.77 -23.05
CA PHE D 56 -4.08 5.14 -22.34
C PHE D 56 -5.43 5.55 -22.93
N GLU D 57 -5.64 6.85 -23.12
CA GLU D 57 -6.90 7.33 -23.68
C GLU D 57 -7.13 6.81 -25.08
N ARG D 58 -6.09 6.81 -25.92
CA ARG D 58 -6.22 6.48 -27.33
C ARG D 58 -6.34 4.98 -27.59
N THR D 59 -5.77 4.15 -26.72
CA THR D 59 -5.76 2.71 -26.95
C THR D 59 -6.45 1.90 -25.86
N GLY D 60 -6.63 2.44 -24.66
CA GLY D 60 -7.35 1.75 -23.61
C GLY D 60 -6.50 0.86 -22.72
N GLU D 61 -5.25 0.75 -22.97
CA GLU D 61 -4.35 -0.07 -22.16
C GLU D 61 -3.67 0.76 -21.09
N PRO D 62 -3.63 0.29 -19.85
CA PRO D 62 -3.17 1.14 -18.74
C PRO D 62 -1.67 1.35 -18.80
N PRO D 63 -1.17 2.39 -18.13
CA PRO D 63 0.28 2.54 -18.01
C PRO D 63 0.88 1.38 -17.23
N GLU D 64 2.19 1.19 -17.42
CA GLU D 64 2.89 0.09 -16.77
C GLU D 64 2.71 0.12 -15.27
N LEU D 65 2.59 1.32 -14.69
CA LEU D 65 2.40 1.44 -13.26
C LEU D 65 1.12 0.77 -12.81
N ILE D 66 0.04 0.98 -13.57
CA ILE D 66 -1.23 0.36 -13.21
C ILE D 66 -1.15 -1.15 -13.37
N LYS D 67 -0.47 -1.62 -14.42
CA LYS D 67 -0.31 -3.06 -14.58
C LYS D 67 0.39 -3.67 -13.38
N ARG D 68 1.44 -3.01 -12.90
CA ARG D 68 2.16 -3.54 -11.75
C ARG D 68 1.29 -3.48 -10.49
N VAL D 69 0.52 -2.39 -10.35
CA VAL D 69 -0.37 -2.25 -9.21
C VAL D 69 -1.40 -3.37 -9.20
N LYS D 70 -1.99 -3.65 -10.36
CA LYS D 70 -2.96 -4.74 -10.45
C LYS D 70 -2.31 -6.06 -10.11
N ALA D 71 -1.06 -6.26 -10.50
CA ALA D 71 -0.39 -7.53 -10.25
C ALA D 71 0.15 -7.65 -8.84
N GLY D 72 0.03 -6.62 -8.00
CA GLY D 72 0.55 -6.71 -6.65
C GLY D 72 1.94 -6.13 -6.48
N LYS D 73 2.53 -5.62 -7.55
CA LYS D 73 3.84 -5.00 -7.49
C LYS D 73 3.63 -3.50 -7.30
N TYR D 74 3.86 -3.01 -6.10
CA TYR D 74 3.45 -1.64 -5.81
C TYR D 74 4.66 -0.71 -5.79
N PRO D 75 4.53 0.48 -6.36
CA PRO D 75 5.63 1.45 -6.29
C PRO D 75 5.82 1.91 -4.85
N GLU D 76 6.87 2.70 -4.67
CA GLU D 76 7.23 3.17 -3.34
C GLU D 76 6.16 4.11 -2.79
N ASN D 77 5.83 3.92 -1.52
CA ASN D 77 4.84 4.75 -0.84
C ASN D 77 3.46 4.70 -1.51
N CYS D 78 3.05 3.50 -1.97
CA CYS D 78 1.66 3.25 -2.35
C CYS D 78 0.92 2.75 -1.13
N VAL D 79 -0.05 3.54 -0.67
CA VAL D 79 -1.09 3.00 0.19
C VAL D 79 -1.82 1.89 -0.54
N VAL D 80 -1.97 0.75 0.13
CA VAL D 80 -2.73 -0.41 -0.33
C VAL D 80 -3.74 -0.74 0.77
N LYS D 81 -5.03 -0.75 0.41
CA LYS D 81 -6.10 -1.04 1.36
C LYS D 81 -7.10 -1.99 0.73
N GLU D 82 -7.54 -2.98 1.51
CA GLU D 82 -8.59 -3.89 1.08
C GLU D 82 -9.96 -3.26 1.39
N LEU D 83 -10.85 -3.32 0.41
CA LEU D 83 -12.18 -2.71 0.51
C LEU D 83 -13.19 -3.65 1.17
N PRO D 84 -14.19 -3.11 1.87
CA PRO D 84 -15.28 -3.94 2.39
C PRO D 84 -16.14 -4.47 1.27
N PRO D 85 -16.95 -5.50 1.52
CA PRO D 85 -17.76 -6.07 0.44
C PRO D 85 -18.76 -5.05 -0.10
N ILE D 86 -19.15 -5.26 -1.35
CA ILE D 86 -20.27 -4.54 -1.95
C ILE D 86 -21.44 -4.58 -0.99
N ASP D 87 -22.03 -3.42 -0.74
CA ASP D 87 -23.08 -3.32 0.27
C ASP D 87 -24.18 -4.34 -0.01
N LYS D 88 -24.49 -5.14 1.02
CA LYS D 88 -25.50 -6.19 0.83
C LYS D 88 -26.84 -5.61 0.39
N GLY D 89 -27.22 -4.45 0.94
CA GLY D 89 -28.51 -3.85 0.60
C GLY D 89 -28.67 -3.52 -0.87
N LEU D 90 -27.56 -3.17 -1.54
CA LEU D 90 -27.59 -2.83 -2.95
C LEU D 90 -27.08 -3.96 -3.85
N ALA D 91 -26.53 -5.04 -3.28
CA ALA D 91 -25.84 -6.06 -4.07
C ALA D 91 -26.70 -6.59 -5.23
N GLN D 92 -27.96 -6.91 -4.97
CA GLN D 92 -28.80 -7.48 -6.02
C GLN D 92 -29.04 -6.50 -7.18
N LEU D 93 -28.91 -5.19 -6.95
CA LEU D 93 -29.19 -4.17 -7.96
C LEU D 93 -28.00 -3.86 -8.88
N ASN D 94 -26.86 -4.51 -8.69
CA ASN D 94 -25.65 -4.27 -9.47
C ASN D 94 -25.18 -2.82 -9.32
N PRO D 95 -24.81 -2.41 -8.12
CA PRO D 95 -24.44 -1.01 -7.89
C PRO D 95 -23.06 -0.65 -8.43
N ASN D 96 -22.86 0.65 -8.64
CA ASN D 96 -21.55 1.21 -8.87
C ASN D 96 -20.79 1.35 -7.56
N ARG D 97 -19.47 1.29 -7.64
CA ARG D 97 -18.63 1.50 -6.47
C ARG D 97 -17.62 2.59 -6.79
N LYS D 98 -17.48 3.56 -5.88
CA LYS D 98 -16.46 4.59 -6.00
C LYS D 98 -15.80 4.83 -4.64
N CYS D 99 -14.57 5.31 -4.68
CA CYS D 99 -13.82 5.65 -3.47
C CYS D 99 -13.45 7.13 -3.51
N VAL D 100 -13.51 7.77 -2.35
CA VAL D 100 -13.04 9.15 -2.18
C VAL D 100 -11.96 9.12 -1.12
N ILE D 101 -10.87 9.88 -1.35
CA ILE D 101 -9.70 9.87 -0.47
C ILE D 101 -9.22 11.29 -0.20
N ILE D 102 -8.03 11.38 0.42
CA ILE D 102 -7.48 12.66 0.91
C ILE D 102 -7.40 13.72 -0.19
N PHE D 103 -7.25 13.30 -1.45
CA PHE D 103 -7.13 14.26 -2.54
C PHE D 103 -8.31 15.22 -2.58
N THR D 104 -9.51 14.75 -2.23
CA THR D 104 -10.66 15.65 -2.14
C THR D 104 -11.10 15.89 -0.70
N GLY D 105 -10.25 15.57 0.28
CA GLY D 105 -10.49 15.94 1.66
C GLY D 105 -11.16 14.91 2.55
N PHE D 106 -11.22 13.64 2.12
CA PHE D 106 -11.90 12.60 2.89
C PHE D 106 -10.88 11.65 3.52
N GLN D 107 -11.24 11.12 4.70
CA GLN D 107 -10.70 9.82 5.06
C GLN D 107 -11.17 8.83 4.01
N ASP D 108 -10.35 7.84 3.73
CA ASP D 108 -10.64 6.88 2.66
C ASP D 108 -12.03 6.27 2.86
N THR D 109 -12.90 6.51 1.88
CA THR D 109 -14.29 6.10 1.94
C THR D 109 -14.69 5.34 0.69
N VAL D 110 -15.46 4.26 0.85
CA VAL D 110 -16.01 3.52 -0.28
C VAL D 110 -17.52 3.76 -0.28
N ILE D 111 -18.07 4.02 -1.47
CA ILE D 111 -19.48 4.32 -1.65
C ILE D 111 -20.03 3.35 -2.69
N ASP D 112 -21.03 2.57 -2.30
CA ASP D 112 -21.78 1.73 -3.23
C ASP D 112 -23.10 2.43 -3.53
N TYR D 113 -23.40 2.66 -4.81
CA TYR D 113 -24.58 3.46 -5.12
C TYR D 113 -25.29 2.99 -6.37
N VAL D 114 -26.59 3.31 -6.41
CA VAL D 114 -27.43 3.18 -7.59
C VAL D 114 -28.24 4.46 -7.76
N GLU D 115 -28.70 4.67 -8.99
CA GLU D 115 -29.65 5.72 -9.33
C GLU D 115 -30.99 5.05 -9.61
N CYS D 116 -31.99 5.36 -8.77
CA CYS D 116 -33.26 4.63 -8.71
C CYS D 116 -34.40 5.63 -8.77
N ASN D 117 -35.14 5.65 -9.89
CA ASN D 117 -36.31 6.52 -10.04
C ASN D 117 -35.94 7.98 -9.77
N GLY D 118 -34.84 8.41 -10.36
CA GLY D 118 -34.36 9.78 -10.21
C GLY D 118 -33.80 10.13 -8.85
N GLU D 119 -33.68 9.17 -7.94
CA GLU D 119 -33.05 9.39 -6.64
C GLU D 119 -31.75 8.59 -6.60
N THR D 120 -30.90 8.94 -5.64
CA THR D 120 -29.65 8.24 -5.38
C THR D 120 -29.81 7.43 -4.11
N LEU D 121 -29.43 6.15 -4.18
CA LEU D 121 -29.32 5.26 -3.03
C LEU D 121 -27.84 4.92 -2.89
N ALA D 122 -27.21 5.36 -1.80
CA ALA D 122 -25.78 5.18 -1.61
C ALA D 122 -25.50 4.70 -0.20
N VAL D 123 -24.46 3.88 -0.07
CA VAL D 123 -23.96 3.46 1.23
C VAL D 123 -22.46 3.76 1.26
N ALA D 124 -22.06 4.64 2.18
CA ALA D 124 -20.67 5.01 2.33
C ALA D 124 -20.12 4.42 3.62
N ARG D 125 -18.91 3.87 3.54
CA ARG D 125 -18.22 3.31 4.69
CA ARG D 125 -18.22 3.31 4.69
C ARG D 125 -16.78 3.81 4.73
N LEU D 126 -16.31 4.11 5.93
CA LEU D 126 -14.89 4.40 6.14
C LEU D 126 -14.10 3.12 5.92
N ILE D 127 -13.13 3.16 5.02
CA ILE D 127 -12.41 1.94 4.67
C ILE D 127 -11.62 1.41 5.85
N ASP D 128 -11.01 2.30 6.65
CA ASP D 128 -10.25 1.84 7.82
C ASP D 128 -11.17 1.35 8.94
N GLU D 129 -12.34 2.00 9.10
CA GLU D 129 -13.28 1.70 10.18
C GLU D 129 -14.63 1.39 9.52
N PRO D 130 -14.81 0.19 8.99
CA PRO D 130 -16.01 -0.10 8.19
C PRO D 130 -17.31 -0.05 8.98
N GLY D 131 -17.25 -0.09 10.31
CA GLY D 131 -18.46 0.13 11.09
C GLY D 131 -19.05 1.51 10.90
N LYS D 132 -18.22 2.50 10.62
CA LYS D 132 -18.70 3.86 10.35
C LYS D 132 -19.35 3.89 8.98
N VAL D 133 -20.68 4.02 8.96
CA VAL D 133 -21.47 3.86 7.75
C VAL D 133 -22.52 4.96 7.69
N CYS D 134 -22.77 5.48 6.48
CA CYS D 134 -23.88 6.39 6.22
C CYS D 134 -24.70 5.85 5.07
N ARG D 135 -25.96 5.52 5.34
CA ARG D 135 -26.88 5.08 4.29
C ARG D 135 -27.71 6.29 3.88
N PHE D 136 -27.61 6.65 2.60
CA PHE D 136 -28.15 7.89 2.08
C PHE D 136 -29.16 7.58 0.98
N ALA D 137 -30.29 8.28 1.04
CA ALA D 137 -31.30 8.27 -0.01
C ALA D 137 -31.74 9.70 -0.26
N GLY D 138 -31.49 10.22 -1.46
CA GLY D 138 -31.88 11.59 -1.73
C GLY D 138 -31.66 11.94 -3.18
N LYS D 139 -31.90 13.19 -3.52
CA LYS D 139 -31.75 13.63 -4.90
C LYS D 139 -30.32 14.04 -5.22
N GLY D 140 -29.42 14.05 -4.24
CA GLY D 140 -28.08 14.53 -4.45
C GLY D 140 -27.14 13.45 -4.99
N ASN D 141 -25.88 13.85 -5.17
CA ASN D 141 -24.86 12.96 -5.68
C ASN D 141 -24.51 11.89 -4.64
N TYR D 142 -24.02 10.74 -5.14
CA TYR D 142 -23.57 9.69 -4.22
C TYR D 142 -22.53 10.21 -3.24
N LYS D 143 -21.70 11.17 -3.67
CA LYS D 143 -20.67 11.75 -2.79
C LYS D 143 -21.26 12.32 -1.51
N VAL D 144 -22.53 12.75 -1.56
CA VAL D 144 -23.20 13.28 -0.38
C VAL D 144 -23.09 12.30 0.78
N ALA D 145 -23.28 11.01 0.49
CA ALA D 145 -23.16 10.00 1.53
C ALA D 145 -21.80 10.08 2.22
N ALA D 146 -20.73 10.24 1.44
CA ALA D 146 -19.40 10.43 2.02
C ALA D 146 -19.34 11.71 2.86
N VAL D 147 -19.90 12.80 2.33
CA VAL D 147 -19.84 14.08 3.03
C VAL D 147 -20.49 13.96 4.41
N LYS D 148 -21.72 13.41 4.45
CA LYS D 148 -22.37 13.19 5.73
C LYS D 148 -21.50 12.31 6.62
N LEU D 149 -20.91 11.28 6.04
CA LEU D 149 -20.01 10.44 6.81
C LEU D 149 -18.89 11.28 7.40
N LYS D 150 -18.29 12.17 6.59
CA LYS D 150 -17.18 12.96 7.12
C LYS D 150 -17.69 13.88 8.22
N ARG D 151 -18.91 14.41 8.06
CA ARG D 151 -19.34 15.48 8.92
C ARG D 151 -20.09 14.98 10.13
N ASN D 152 -20.25 13.65 10.27
CA ASN D 152 -20.96 13.05 11.38
C ASN D 152 -22.43 13.43 11.40
N GLU D 153 -23.00 13.80 10.25
CA GLU D 153 -24.43 14.04 10.15
C GLU D 153 -25.20 12.71 10.10
N PRO D 154 -26.39 12.67 10.71
CA PRO D 154 -27.15 11.41 10.76
C PRO D 154 -27.63 10.96 9.39
N CYS D 155 -27.72 9.64 9.23
CA CYS D 155 -28.17 9.02 7.98
C CYS D 155 -29.24 7.98 8.29
N LEU D 156 -29.79 7.38 7.22
CA LEU D 156 -30.88 6.42 7.38
C LEU D 156 -30.41 5.16 8.11
N THR D 157 -31.31 4.60 8.89
CA THR D 157 -31.05 3.31 9.53
C THR D 157 -31.15 2.20 8.49
N ARG D 158 -30.60 1.04 8.84
CA ARG D 158 -30.69 -0.11 7.95
C ARG D 158 -32.12 -0.36 7.51
N GLU D 159 -33.04 -0.37 8.49
CA GLU D 159 -34.46 -0.59 8.23
C GLU D 159 -35.02 0.41 7.21
N GLU D 160 -34.81 1.72 7.45
CA GLU D 160 -35.27 2.77 6.54
C GLU D 160 -34.66 2.60 5.14
N PHE D 161 -33.34 2.37 5.08
CA PHE D 161 -32.67 2.24 3.79
C PHE D 161 -33.21 1.05 3.01
N LEU D 162 -33.35 -0.11 3.67
CA LEU D 162 -33.91 -1.29 3.00
C LEU D 162 -35.33 -1.02 2.53
N LYS D 163 -36.14 -0.34 3.34
CA LYS D 163 -37.44 0.12 2.86
C LYS D 163 -37.32 0.89 1.56
N LYS D 164 -36.41 1.87 1.52
CA LYS D 164 -36.23 2.67 0.31
C LYS D 164 -35.85 1.80 -0.89
N VAL D 165 -34.91 0.86 -0.68
CA VAL D 165 -34.51 -0.05 -1.75
C VAL D 165 -35.70 -0.84 -2.27
N GLU D 166 -36.46 -1.45 -1.35
CA GLU D 166 -37.67 -2.17 -1.74
C GLU D 166 -38.57 -1.30 -2.61
N GLU D 167 -38.87 -0.08 -2.14
CA GLU D 167 -39.72 0.83 -2.92
C GLU D 167 -39.16 1.04 -4.33
N CYS D 168 -37.84 1.18 -4.46
CA CYS D 168 -37.23 1.29 -5.79
CA CYS D 168 -37.26 1.31 -5.79
C CYS D 168 -37.47 0.03 -6.61
N ARG D 169 -37.38 -1.12 -5.97
CA ARG D 169 -37.54 -2.38 -6.70
C ARG D 169 -39.01 -2.71 -6.86
I IOD E . -21.13 -25.98 -11.15
I IOD E . -21.91 -24.96 -12.97
I IOD F . -11.07 -16.13 -18.07
I IOD G . -19.24 -27.01 -21.83
I IOD H . -20.80 -28.44 -29.85
I IOD I . -26.10 -7.05 -19.95
I IOD J . -5.68 -13.72 5.36
I IOD K . -0.51 -15.24 10.04
I IOD L . -3.69 -32.25 -2.48
I IOD L . -3.59 -32.63 -4.49
I IOD M . -10.38 -31.24 -9.58
I IOD N . -9.38 -37.07 5.30
I IOD O . -24.36 -30.72 -15.16
I IOD P . -3.35 -28.02 1.00
I IOD P . -2.66 -29.91 4.55
C1 GOL Q . -17.98 -21.02 10.89
O1 GOL Q . -17.33 -22.22 10.55
C2 GOL Q . -18.96 -20.65 9.72
O2 GOL Q . -20.05 -21.50 9.65
C3 GOL Q . -19.37 -19.18 9.99
O3 GOL Q . -19.93 -18.70 8.81
C1 GOL R . -20.01 -34.66 -9.62
O1 GOL R . -20.10 -35.80 -8.80
C2 GOL R . -20.95 -34.85 -10.85
O2 GOL R . -22.20 -34.34 -10.62
C3 GOL R . -20.25 -34.07 -12.03
O3 GOL R . -21.29 -33.60 -12.87
C1 GOL S . -16.24 -37.79 -3.90
O1 GOL S . -16.18 -38.41 -5.14
C2 GOL S . -16.49 -36.30 -4.15
O2 GOL S . -16.30 -35.54 -3.01
C3 GOL S . -15.52 -35.87 -5.28
O3 GOL S . -15.66 -34.50 -5.37
C1 GOL T . -36.22 -13.74 -18.21
O1 GOL T . -36.60 -14.93 -17.59
C2 GOL T . -36.77 -13.76 -19.66
O2 GOL T . -36.65 -12.53 -20.26
C3 GOL T . -35.93 -14.82 -20.43
O3 GOL T . -36.36 -14.80 -21.76
C1 GOL U . 2.20 -13.56 -9.29
O1 GOL U . 2.71 -13.46 -8.00
C2 GOL U . 0.84 -14.34 -9.25
O2 GOL U . 0.00 -13.88 -8.29
C3 GOL U . 0.23 -14.15 -10.63
O3 GOL U . -1.10 -13.81 -10.42
C1 GOL V . -11.08 -25.48 -16.00
O1 GOL V . -10.19 -26.03 -15.08
C2 GOL V . -12.16 -24.79 -15.16
O2 GOL V . -12.26 -23.42 -15.43
C3 GOL V . -13.47 -25.59 -15.47
O3 GOL V . -14.31 -25.45 -14.34
S SO4 W . -15.14 -14.11 4.68
O1 SO4 W . -16.14 -13.06 4.73
O2 SO4 W . -15.64 -15.32 5.33
O3 SO4 W . -14.81 -14.38 3.28
O4 SO4 W . -13.91 -13.69 5.37
S SO4 X . -33.57 -5.34 -17.68
O1 SO4 X . -34.18 -4.02 -17.75
O2 SO4 X . -34.31 -6.27 -18.53
O3 SO4 X . -32.19 -5.28 -18.14
O4 SO4 X . -33.66 -5.77 -16.28
S SO4 Y . -10.71 -17.27 7.78
O1 SO4 Y . -11.46 -16.03 7.95
O2 SO4 Y . -11.50 -18.27 7.07
O3 SO4 Y . -9.50 -16.99 7.00
O4 SO4 Y . -10.34 -17.79 9.09
I IOD Z . -1.63 21.69 -6.61
I IOD AA . 11.56 14.45 5.57
I IOD BA . 5.09 -2.56 -0.52
I IOD CA . 15.64 -6.08 5.18
I IOD CA . 15.12 -6.66 7.22
I IOD DA . 9.76 -11.64 10.77
I IOD EA . 18.05 13.93 19.52
I IOD FA . 13.69 8.85 18.39
I IOD GA . 3.58 20.65 -3.14
I IOD HA . 5.16 22.26 23.56
I IOD HA . 1.09 20.93 27.27
I IOD IA . 8.84 10.80 24.47
I IOD JA . 8.41 31.99 12.46
I IOD KA . 21.82 -2.95 20.88
C1 GOL LA . -9.12 18.96 -1.51
O1 GOL LA . -8.81 19.48 -0.25
C2 GOL LA . -10.32 19.75 -2.09
O2 GOL LA . -10.62 19.36 -3.39
C3 GOL LA . -11.44 19.42 -1.17
O3 GOL LA . -10.88 19.58 0.07
C1 GOL MA . 16.60 18.39 -0.39
O1 GOL MA . 15.97 17.19 -0.71
C2 GOL MA . 15.55 19.23 0.43
O2 GOL MA . 15.97 19.55 1.72
C3 GOL MA . 15.29 20.50 -0.40
O3 GOL MA . 14.83 21.46 0.52
S SO4 NA . -6.26 27.66 22.63
O1 SO4 NA . -6.11 29.08 22.90
O2 SO4 NA . -7.60 27.36 22.17
O3 SO4 NA . -5.31 27.26 21.60
O4 SO4 NA . -5.95 26.93 23.87
S SO4 OA . 4.31 9.85 8.53
O1 SO4 OA . 3.27 9.81 9.55
O2 SO4 OA . 4.06 8.75 7.61
O3 SO4 OA . 4.28 11.20 7.90
O4 SO4 OA . 5.63 9.62 9.12
I IOD PA . 35.03 27.00 16.26
I IOD QA . 20.44 -10.37 -0.09
I IOD RA . 30.28 -14.88 -0.51
I IOD SA . 9.80 2.31 -6.80
I IOD TA . 22.51 12.99 12.77
I IOD UA . 19.75 12.14 -1.38
I IOD VA . 25.09 15.02 -6.38
I IOD WA . 30.82 24.85 -2.02
I IOD XA . 30.47 15.43 22.80
I IOD YA . 35.61 14.78 26.52
I IOD ZA . 39.37 24.97 6.95
I IOD AB . 26.02 -5.74 13.41
C1 GOL BB . 29.57 9.62 -9.69
O1 GOL BB . 30.80 9.00 -9.90
C2 GOL BB . 29.74 11.08 -10.13
O2 GOL BB . 28.78 11.92 -9.55
C3 GOL BB . 31.22 11.41 -9.77
O3 GOL BB . 31.27 12.75 -9.35
S SO4 CB . 28.31 8.49 8.41
O1 SO4 CB . 26.88 8.76 8.50
O2 SO4 CB . 28.63 8.51 6.99
O3 SO4 CB . 28.71 7.19 8.95
O4 SO4 CB . 29.04 9.54 9.15
I IOD DB . -3.52 -4.21 -17.18
I IOD EB . 3.56 -6.86 -14.26
I IOD FB . -18.69 4.19 -15.83
I IOD GB . -10.21 15.49 -14.83
I IOD HB . -10.42 11.38 -4.70
I IOD IB . -0.30 7.02 -28.85
I IOD JB . -16.57 -7.11 -6.82
I IOD KB . -6.73 16.74 -6.60
I IOD LB . -30.10 10.37 4.53
I IOD MB . -21.25 16.45 -3.00
C1 GOL NB . -16.55 1.68 14.45
O1 GOL NB . -17.54 0.69 14.45
C2 GOL NB . -15.14 1.04 14.17
O2 GOL NB . -14.68 0.19 15.17
C3 GOL NB . -15.22 0.37 12.77
O3 GOL NB . -15.52 -0.97 12.91
S SO4 OB . -23.64 -2.80 9.68
O1 SO4 OB . -24.75 -1.91 9.99
O2 SO4 OB . -24.12 -4.11 9.24
O3 SO4 OB . -22.84 -2.20 8.62
O4 SO4 OB . -22.80 -3.01 10.87
S SO4 PB . -17.10 18.61 3.41
O1 SO4 PB . -18.34 19.39 3.36
O2 SO4 PB . -17.39 17.20 3.57
O3 SO4 PB . -16.34 19.11 4.56
O4 SO4 PB . -16.39 18.76 2.14
S SO4 QB . -28.12 -4.72 4.82
O1 SO4 QB . -28.24 -5.00 3.40
O2 SO4 QB . -29.24 -5.33 5.52
O3 SO4 QB . -28.07 -3.27 4.99
O4 SO4 QB . -26.89 -5.32 5.35
#